data_4FDP
#
_entry.id   4FDP
#
_cell.length_a   77.970
_cell.length_b   83.620
_cell.length_c   81.370
_cell.angle_alpha   90.00
_cell.angle_beta   103.91
_cell.angle_gamma   90.00
#
_symmetry.space_group_name_H-M   'P 1 21 1'
#
loop_
_entity.id
_entity.type
_entity.pdbx_description
1 polymer 'oxidoreductase DprE1'
2 non-polymer 'FLAVIN-ADENINE DINUCLEOTIDE'
3 non-polymer IMIDAZOLE
4 water water
#
_entity_poly.entity_id   1
_entity_poly.type   'polypeptide(L)'
_entity_poly.pdbx_seq_one_letter_code
;MGSSHHHHHHSSGLVPRGSHMLSVGATTTATRLTGWGRTAPSVANVLRTPDAEMIVKAVARVAESGGGRGAIARGLGRSY
GDNAQNGGGLVIDMTPLNTIHSIDADTKLVDIDAGVNLDQLMKAALPFGLWVPVLPGTRQVTVGGAIACDIHGKNHHSAG
SFGNHVRSMDLLTADGEIRHLTPTGEDAELFWATVGGNGLTGIIMRATIEMTPTSTAYFIADGDVTASLDETIALHSDGS
EARYTYSSAWFDAISAPPKLGRAAVSRGRLATVEQLPAKLRSEPLKFDAPQLLTLPDVFPNGLANKYTFGPIGELWYRKS
GTYRGKVQNLTQFYHPLDMFGEWNRAYGPAGFLQYQFVIPTEAVDEFKKIIGVIQASGHYSFLNVFKLFGPRNQAPLSFP
IPGWNICVDFPIKDGLGKFVSELDRRVLEFGGRLYTAKDSRTTAETFHAMYPRVDEWISVRRKVDPLRVFASDMARRLEL
L
;
_entity_poly.pdbx_strand_id   A,B
#
loop_
_chem_comp.id
_chem_comp.type
_chem_comp.name
_chem_comp.formula
FAD non-polymer 'FLAVIN-ADENINE DINUCLEOTIDE' 'C27 H33 N9 O15 P2'
IMD non-polymer IMIDAZOLE 'C3 H5 N2 1'
#
# COMPACT_ATOMS: atom_id res chain seq x y z
N THR A 27 -23.19 -17.47 -19.05
CA THR A 27 -22.53 -16.43 -18.25
C THR A 27 -22.72 -16.67 -16.75
N THR A 28 -23.88 -17.21 -16.37
CA THR A 28 -24.25 -17.34 -14.96
C THR A 28 -24.40 -18.79 -14.49
N THR A 29 -23.82 -19.10 -13.33
CA THR A 29 -23.84 -20.47 -12.78
C THR A 29 -24.93 -20.66 -11.73
N ALA A 30 -25.74 -21.71 -11.89
CA ALA A 30 -26.74 -22.06 -10.88
C ALA A 30 -26.07 -22.59 -9.62
N THR A 31 -25.95 -21.73 -8.61
CA THR A 31 -25.22 -22.06 -7.39
C THR A 31 -26.12 -22.09 -6.16
N ARG A 32 -25.76 -22.94 -5.20
CA ARG A 32 -26.45 -23.05 -3.93
C ARG A 32 -25.75 -22.19 -2.86
N LEU A 33 -26.42 -21.13 -2.43
CA LEU A 33 -25.82 -20.15 -1.52
C LEU A 33 -26.42 -20.21 -0.12
N THR A 34 -25.56 -19.98 0.88
CA THR A 34 -26.01 -19.69 2.24
C THR A 34 -25.24 -18.47 2.74
N GLY A 35 -25.72 -17.89 3.84
CA GLY A 35 -24.94 -16.90 4.56
C GLY A 35 -23.80 -17.59 5.28
N TRP A 36 -23.10 -16.86 6.13
CA TRP A 36 -21.99 -17.41 6.90
C TRP A 36 -22.48 -18.46 7.91
N GLY A 37 -23.70 -18.28 8.39
CA GLY A 37 -24.28 -19.18 9.38
C GLY A 37 -24.60 -20.54 8.79
N ARG A 38 -24.61 -20.63 7.46
CA ARG A 38 -24.84 -21.88 6.75
C ARG A 38 -26.23 -22.44 7.10
N THR A 39 -27.25 -21.78 6.56
CA THR A 39 -28.64 -22.12 6.86
C THR A 39 -29.56 -21.44 5.84
N ALA A 40 -30.80 -21.93 5.74
CA ALA A 40 -31.79 -21.41 4.81
C ALA A 40 -31.25 -21.21 3.38
N PRO A 41 -30.77 -22.30 2.75
CA PRO A 41 -30.11 -22.18 1.46
C PRO A 41 -31.10 -22.03 0.31
N SER A 42 -30.72 -21.28 -0.71
CA SER A 42 -31.46 -21.27 -1.96
C SER A 42 -30.51 -21.30 -3.16
N VAL A 43 -31.03 -21.81 -4.28
CA VAL A 43 -30.26 -21.89 -5.51
C VAL A 43 -30.55 -20.64 -6.33
N ALA A 44 -29.47 -19.98 -6.78
CA ALA A 44 -29.57 -18.80 -7.63
C ALA A 44 -28.57 -18.90 -8.78
N ASN A 45 -28.80 -18.09 -9.81
CA ASN A 45 -27.83 -17.98 -10.89
C ASN A 45 -26.79 -16.92 -10.52
N VAL A 46 -25.55 -17.37 -10.31
CA VAL A 46 -24.48 -16.47 -9.89
C VAL A 46 -23.63 -15.97 -11.05
N LEU A 47 -23.77 -14.69 -11.38
CA LEU A 47 -22.88 -14.04 -12.31
C LEU A 47 -21.59 -13.61 -11.61
N ARG A 48 -20.46 -14.07 -12.13
CA ARG A 48 -19.17 -13.69 -11.54
C ARG A 48 -18.21 -13.17 -12.59
N THR A 49 -18.16 -11.85 -12.73
CA THR A 49 -17.33 -11.24 -13.76
C THR A 49 -16.68 -9.94 -13.28
N PRO A 50 -15.40 -9.73 -13.66
CA PRO A 50 -14.72 -8.43 -13.43
C PRO A 50 -15.19 -7.35 -14.38
N ASP A 51 -16.05 -7.68 -15.33
CA ASP A 51 -16.44 -6.71 -16.34
C ASP A 51 -17.69 -5.95 -15.95
N ALA A 52 -17.50 -4.66 -15.63
CA ALA A 52 -18.60 -3.80 -15.20
C ALA A 52 -19.70 -3.71 -16.25
N GLU A 53 -19.33 -3.78 -17.53
CA GLU A 53 -20.32 -3.71 -18.61
C GLU A 53 -21.23 -4.93 -18.62
N MET A 54 -20.66 -6.10 -18.34
CA MET A 54 -21.42 -7.33 -18.23
C MET A 54 -22.36 -7.35 -17.01
N ILE A 55 -22.05 -6.50 -16.03
CA ILE A 55 -22.89 -6.37 -14.85
C ILE A 55 -24.06 -5.43 -15.11
N VAL A 56 -23.79 -4.31 -15.79
CA VAL A 56 -24.84 -3.39 -16.22
C VAL A 56 -25.80 -4.10 -17.16
N LYS A 57 -25.26 -5.01 -17.98
CA LYS A 57 -26.07 -5.70 -18.97
C LYS A 57 -26.90 -6.83 -18.37
N ALA A 58 -26.44 -7.41 -17.26
CA ALA A 58 -27.22 -8.43 -16.57
C ALA A 58 -28.43 -7.80 -15.85
N VAL A 59 -28.21 -6.63 -15.26
CA VAL A 59 -29.30 -5.85 -14.66
C VAL A 59 -30.27 -5.41 -15.74
N ALA A 60 -29.74 -4.95 -16.86
CA ALA A 60 -30.56 -4.65 -18.03
C ALA A 60 -31.35 -5.89 -18.45
N ARG A 61 -30.73 -7.06 -18.31
CA ARG A 61 -31.33 -8.34 -18.69
C ARG A 61 -32.35 -8.89 -17.66
N VAL A 62 -32.32 -8.37 -16.43
CA VAL A 62 -33.34 -8.72 -15.44
C VAL A 62 -34.50 -7.75 -15.55
N ALA A 63 -34.21 -6.53 -15.96
CA ALA A 63 -35.20 -5.46 -16.01
C ALA A 63 -36.16 -5.45 -17.20
N GLU A 64 -35.84 -6.17 -18.27
CA GLU A 64 -36.75 -6.24 -19.42
C GLU A 64 -37.79 -7.34 -19.22
N SER A 65 -37.43 -8.36 -18.42
CA SER A 65 -38.35 -9.45 -18.10
C SER A 65 -39.34 -9.04 -17.01
N GLY A 66 -39.93 -7.85 -17.14
CA GLY A 66 -40.71 -7.25 -16.08
C GLY A 66 -39.81 -6.99 -14.87
N GLY A 67 -40.02 -7.77 -13.82
CA GLY A 67 -39.10 -7.79 -12.70
C GLY A 67 -38.59 -9.19 -12.46
N GLY A 68 -39.46 -10.18 -12.69
CA GLY A 68 -39.15 -11.58 -12.45
C GLY A 68 -38.86 -11.77 -10.98
N ARG A 69 -37.89 -12.63 -10.67
CA ARG A 69 -37.43 -12.74 -9.29
C ARG A 69 -36.18 -11.91 -9.02
N GLY A 70 -35.94 -10.94 -9.90
CA GLY A 70 -34.95 -9.90 -9.71
C GLY A 70 -33.52 -10.32 -9.42
N ALA A 71 -32.74 -9.38 -8.90
CA ALA A 71 -31.32 -9.65 -8.64
C ALA A 71 -30.83 -9.05 -7.33
N ILE A 72 -29.75 -9.61 -6.79
CA ILE A 72 -29.10 -9.04 -5.62
C ILE A 72 -27.57 -9.17 -5.63
N ALA A 73 -26.88 -8.09 -5.29
CA ALA A 73 -25.41 -8.13 -5.19
C ALA A 73 -24.98 -9.02 -4.04
N ARG A 74 -23.79 -9.57 -4.16
CA ARG A 74 -23.20 -10.39 -3.11
C ARG A 74 -21.72 -10.02 -2.98
N GLY A 75 -21.22 -9.96 -1.74
CA GLY A 75 -19.81 -9.64 -1.51
C GLY A 75 -19.01 -10.88 -1.14
N LEU A 76 -18.31 -10.83 -0.02
CA LEU A 76 -17.60 -12.02 0.46
C LEU A 76 -18.48 -13.02 1.26
N GLY A 77 -19.79 -12.78 1.28
CA GLY A 77 -20.73 -13.66 1.98
C GLY A 77 -20.52 -13.82 3.49
N ARG A 78 -20.14 -12.74 4.16
CA ARG A 78 -19.92 -12.79 5.60
C ARG A 78 -21.16 -12.49 6.46
N SER A 79 -22.21 -11.95 5.84
CA SER A 79 -23.48 -11.85 6.56
C SER A 79 -23.93 -13.25 6.93
N TYR A 80 -24.43 -13.40 8.15
CA TYR A 80 -24.92 -14.70 8.60
C TYR A 80 -26.27 -15.04 7.98
N GLY A 81 -27.04 -14.02 7.63
CA GLY A 81 -28.39 -14.22 7.13
C GLY A 81 -28.58 -14.44 5.64
N ASP A 82 -29.71 -13.97 5.14
CA ASP A 82 -30.15 -14.29 3.80
C ASP A 82 -30.22 -13.07 2.90
N ASN A 83 -29.52 -12.00 3.26
CA ASN A 83 -29.56 -10.76 2.46
C ASN A 83 -28.78 -10.79 1.14
N ALA A 84 -27.79 -11.67 1.02
CA ALA A 84 -27.01 -11.78 -0.21
C ALA A 84 -27.31 -13.09 -0.93
N GLN A 85 -28.59 -13.47 -0.97
CA GLN A 85 -29.01 -14.59 -1.82
C GLN A 85 -30.39 -14.32 -2.37
N ASN A 86 -30.70 -14.95 -3.50
CA ASN A 86 -31.95 -14.70 -4.18
C ASN A 86 -32.45 -15.99 -4.84
N GLY A 87 -33.15 -16.82 -4.07
CA GLY A 87 -33.70 -18.06 -4.57
C GLY A 87 -34.42 -17.93 -5.89
N GLY A 88 -33.94 -18.67 -6.89
CA GLY A 88 -34.55 -18.66 -8.22
C GLY A 88 -34.39 -17.34 -8.94
N GLY A 89 -33.44 -16.54 -8.50
CA GLY A 89 -33.14 -15.29 -9.18
C GLY A 89 -31.65 -15.16 -9.48
N LEU A 90 -31.24 -13.95 -9.85
CA LEU A 90 -29.84 -13.68 -10.13
C LEU A 90 -29.13 -13.11 -8.90
N VAL A 91 -27.96 -13.66 -8.62
CA VAL A 91 -27.05 -13.12 -7.62
C VAL A 91 -25.74 -12.68 -8.31
N ILE A 92 -25.37 -11.42 -8.14
CA ILE A 92 -24.16 -10.90 -8.79
C ILE A 92 -22.97 -10.81 -7.83
N ASP A 93 -22.05 -11.78 -7.93
CA ASP A 93 -20.82 -11.78 -7.14
C ASP A 93 -19.93 -10.60 -7.56
N MET A 94 -19.70 -9.69 -6.62
CA MET A 94 -19.00 -8.44 -6.89
C MET A 94 -17.50 -8.47 -6.59
N THR A 95 -17.02 -9.56 -6.00
CA THR A 95 -15.63 -9.64 -5.60
C THR A 95 -14.59 -9.52 -6.72
N PRO A 96 -14.94 -9.89 -7.96
CA PRO A 96 -13.90 -9.66 -8.99
C PRO A 96 -13.70 -8.18 -9.26
N LEU A 97 -14.70 -7.37 -8.96
CA LEU A 97 -14.57 -5.93 -9.16
C LEU A 97 -13.77 -5.32 -8.00
N ASN A 98 -12.46 -5.53 -7.98
CA ASN A 98 -11.70 -5.23 -6.77
C ASN A 98 -10.50 -4.30 -6.99
N THR A 99 -10.66 -3.34 -7.90
CA THR A 99 -9.63 -2.35 -8.15
C THR A 99 -9.63 -1.19 -7.17
N ILE A 100 -8.49 -0.97 -6.53
CA ILE A 100 -8.20 0.30 -5.89
C ILE A 100 -7.78 1.31 -6.95
N HIS A 101 -8.56 2.37 -7.13
CA HIS A 101 -8.28 3.36 -8.16
C HIS A 101 -7.26 4.41 -7.74
N SER A 102 -7.43 4.96 -6.54
CA SER A 102 -6.48 5.92 -6.02
C SER A 102 -6.56 6.01 -4.51
N ILE A 103 -5.43 6.36 -3.92
CA ILE A 103 -5.38 6.76 -2.53
C ILE A 103 -4.62 8.08 -2.48
N ASP A 104 -5.20 9.07 -1.82
CA ASP A 104 -4.59 10.37 -1.70
C ASP A 104 -4.43 10.70 -0.23
N ALA A 105 -3.18 10.85 0.23
CA ALA A 105 -2.94 11.14 1.65
C ALA A 105 -3.25 12.59 2.04
N ASP A 106 -3.32 13.48 1.05
CA ASP A 106 -3.61 14.88 1.33
C ASP A 106 -5.11 15.11 1.55
N THR A 107 -5.93 14.48 0.72
CA THR A 107 -7.38 14.56 0.86
C THR A 107 -7.96 13.46 1.75
N LYS A 108 -7.13 12.50 2.13
CA LYS A 108 -7.56 11.31 2.89
C LYS A 108 -8.60 10.48 2.15
N LEU A 109 -8.68 10.65 0.83
CA LEU A 109 -9.71 9.93 0.07
C LEU A 109 -9.17 8.67 -0.62
N VAL A 110 -9.96 7.59 -0.56
CA VAL A 110 -9.71 6.41 -1.37
C VAL A 110 -10.88 6.20 -2.34
N ASP A 111 -10.54 5.79 -3.55
CA ASP A 111 -11.51 5.58 -4.60
C ASP A 111 -11.37 4.12 -5.00
N ILE A 112 -12.35 3.31 -4.61
CA ILE A 112 -12.23 1.87 -4.79
C ILE A 112 -13.48 1.24 -5.39
N ASP A 113 -13.26 0.15 -6.10
CA ASP A 113 -14.36 -0.68 -6.57
C ASP A 113 -15.10 -1.30 -5.36
N ALA A 114 -16.38 -1.64 -5.54
CA ALA A 114 -17.18 -2.13 -4.43
C ALA A 114 -16.70 -3.49 -3.94
N GLY A 115 -15.99 -4.22 -4.79
CA GLY A 115 -15.54 -5.56 -4.46
C GLY A 115 -14.25 -5.63 -3.68
N VAL A 116 -13.53 -4.51 -3.53
CA VAL A 116 -12.37 -4.58 -2.68
C VAL A 116 -12.78 -4.83 -1.23
N ASN A 117 -12.00 -5.64 -0.53
CA ASN A 117 -12.31 -5.90 0.85
C ASN A 117 -11.48 -5.02 1.77
N LEU A 118 -11.88 -4.98 3.03
CA LEU A 118 -11.33 -4.06 4.01
C LEU A 118 -9.90 -4.41 4.43
N ASP A 119 -9.54 -5.68 4.32
CA ASP A 119 -8.18 -6.12 4.58
C ASP A 119 -7.26 -5.59 3.49
N GLN A 120 -7.68 -5.76 2.25
CA GLN A 120 -6.96 -5.28 1.09
C GLN A 120 -6.77 -3.77 1.21
N LEU A 121 -7.87 -3.08 1.49
CA LEU A 121 -7.87 -1.63 1.65
C LEU A 121 -6.94 -1.18 2.78
N MET A 122 -6.99 -1.87 3.92
CA MET A 122 -6.18 -1.46 5.06
C MET A 122 -4.70 -1.59 4.77
N LYS A 123 -4.34 -2.65 4.06
CA LYS A 123 -2.97 -2.93 3.66
C LYS A 123 -2.45 -1.85 2.72
N ALA A 124 -3.26 -1.51 1.74
CA ALA A 124 -2.91 -0.55 0.72
C ALA A 124 -2.80 0.85 1.30
N ALA A 125 -3.66 1.16 2.27
CA ALA A 125 -3.76 2.53 2.75
C ALA A 125 -2.74 2.90 3.82
N LEU A 126 -2.29 1.90 4.57
CA LEU A 126 -1.34 2.12 5.67
C LEU A 126 -0.12 2.99 5.28
N PRO A 127 0.56 2.69 4.15
CA PRO A 127 1.78 3.47 3.86
C PRO A 127 1.50 4.94 3.62
N PHE A 128 0.23 5.28 3.45
CA PHE A 128 -0.17 6.66 3.22
C PHE A 128 -0.48 7.34 4.54
N GLY A 129 -0.23 6.64 5.64
CA GLY A 129 -0.66 7.13 6.94
C GLY A 129 -2.18 7.25 6.99
N LEU A 130 -2.88 6.29 6.41
CA LEU A 130 -4.35 6.27 6.41
C LEU A 130 -4.93 4.99 7.03
N TRP A 131 -5.96 5.19 7.86
CA TRP A 131 -6.59 4.11 8.59
C TRP A 131 -8.04 3.96 8.16
N VAL A 132 -8.45 2.72 7.87
CA VAL A 132 -9.86 2.40 7.54
C VAL A 132 -10.73 2.88 8.70
N PRO A 133 -11.68 3.78 8.41
CA PRO A 133 -12.37 4.48 9.51
C PRO A 133 -13.32 3.61 10.36
N VAL A 134 -13.85 2.52 9.80
CA VAL A 134 -14.62 1.55 10.56
C VAL A 134 -14.17 0.14 10.22
N LEU A 135 -13.62 -0.57 11.21
CA LEU A 135 -13.27 -1.97 11.01
C LEU A 135 -14.17 -2.90 11.84
N PRO A 136 -14.88 -3.81 11.17
CA PRO A 136 -15.72 -4.82 11.83
C PRO A 136 -14.86 -5.97 12.34
N GLY A 137 -15.48 -7.01 12.89
CA GLY A 137 -14.72 -8.10 13.50
C GLY A 137 -13.87 -8.92 12.54
N THR A 138 -14.29 -9.04 11.30
CA THR A 138 -13.47 -9.66 10.29
C THR A 138 -13.20 -8.64 9.19
N ARG A 139 -12.02 -8.68 8.60
CA ARG A 139 -11.69 -7.72 7.55
C ARG A 139 -12.05 -8.28 6.18
N GLN A 140 -12.49 -9.53 6.18
CA GLN A 140 -12.96 -10.15 4.95
C GLN A 140 -14.40 -9.76 4.63
N VAL A 141 -14.63 -8.47 4.43
CA VAL A 141 -15.91 -7.97 3.96
C VAL A 141 -15.64 -6.96 2.86
N THR A 142 -16.55 -6.87 1.89
CA THR A 142 -16.39 -5.92 0.80
C THR A 142 -16.88 -4.55 1.21
N VAL A 143 -16.38 -3.52 0.52
CA VAL A 143 -16.86 -2.17 0.66
C VAL A 143 -18.37 -2.07 0.39
N GLY A 144 -18.83 -2.76 -0.65
CA GLY A 144 -20.26 -2.88 -0.92
C GLY A 144 -21.04 -3.45 0.28
N GLY A 145 -20.55 -4.55 0.84
CA GLY A 145 -21.18 -5.14 2.02
C GLY A 145 -21.12 -4.21 3.23
N ALA A 146 -20.04 -3.47 3.34
CA ALA A 146 -19.83 -2.56 4.44
C ALA A 146 -20.83 -1.42 4.39
N ILE A 147 -21.10 -0.95 3.18
CA ILE A 147 -22.06 0.13 3.00
C ILE A 147 -23.50 -0.39 3.16
N ALA A 148 -23.79 -1.51 2.53
CA ALA A 148 -25.15 -2.04 2.49
C ALA A 148 -25.63 -2.54 3.86
N CYS A 149 -24.70 -2.95 4.72
CA CYS A 149 -25.08 -3.28 6.10
C CYS A 149 -24.74 -2.17 7.10
N ASP A 150 -24.31 -1.02 6.57
CA ASP A 150 -23.84 0.11 7.38
C ASP A 150 -23.07 -0.34 8.64
N ILE A 151 -22.00 -1.10 8.42
CA ILE A 151 -21.32 -1.82 9.49
C ILE A 151 -20.71 -0.91 10.54
N HIS A 152 -20.56 -1.45 11.74
CA HIS A 152 -20.02 -0.70 12.86
C HIS A 152 -18.81 -1.45 13.39
N GLY A 153 -18.04 -0.78 14.23
CA GLY A 153 -16.94 -1.48 14.86
C GLY A 153 -16.72 -1.05 16.29
N LYS A 154 -15.55 -1.41 16.80
CA LYS A 154 -15.12 -1.11 18.14
C LYS A 154 -15.14 0.39 18.44
N ASN A 155 -15.12 1.20 17.38
CA ASN A 155 -15.04 2.65 17.56
C ASN A 155 -16.35 3.39 17.27
N HIS A 156 -17.47 2.68 17.27
CA HIS A 156 -18.74 3.29 16.87
C HIS A 156 -19.08 4.54 17.67
N HIS A 157 -18.88 4.48 18.99
CA HIS A 157 -19.23 5.60 19.86
C HIS A 157 -18.45 6.86 19.51
N SER A 158 -17.27 6.70 18.91
CA SER A 158 -16.48 7.87 18.49
C SER A 158 -16.52 8.17 17.00
N ALA A 159 -16.71 7.15 16.17
CA ALA A 159 -16.60 7.35 14.72
C ALA A 159 -17.88 7.07 13.93
N GLY A 160 -18.91 6.59 14.60
CA GLY A 160 -20.14 6.17 13.93
C GLY A 160 -19.94 4.87 13.17
N SER A 161 -20.78 4.63 12.16
CA SER A 161 -20.67 3.43 11.35
C SER A 161 -20.11 3.71 9.95
N PHE A 162 -19.97 2.68 9.14
CA PHE A 162 -19.34 2.79 7.83
C PHE A 162 -19.93 3.90 6.94
N GLY A 163 -21.25 3.97 6.88
CA GLY A 163 -21.92 4.97 6.07
C GLY A 163 -21.50 6.41 6.35
N ASN A 164 -21.16 6.70 7.60
CA ASN A 164 -20.69 8.03 7.99
C ASN A 164 -19.47 8.53 7.21
N HIS A 165 -18.68 7.61 6.65
CA HIS A 165 -17.41 7.99 6.04
C HIS A 165 -17.40 7.85 4.53
N VAL A 166 -18.53 7.47 3.94
CA VAL A 166 -18.66 7.45 2.49
C VAL A 166 -18.93 8.87 2.00
N ARG A 167 -18.07 9.36 1.09
CA ARG A 167 -18.21 10.71 0.52
C ARG A 167 -18.93 10.71 -0.83
N SER A 168 -18.88 9.59 -1.53
CA SER A 168 -19.71 9.41 -2.71
C SER A 168 -19.79 7.93 -2.99
N MET A 169 -20.77 7.53 -3.78
CA MET A 169 -20.78 6.21 -4.38
C MET A 169 -21.49 6.19 -5.73
N ASP A 170 -21.14 5.24 -6.56
CA ASP A 170 -21.79 5.03 -7.83
C ASP A 170 -22.73 3.83 -7.77
N LEU A 171 -24.00 4.09 -8.02
CA LEU A 171 -25.06 3.10 -7.79
C LEU A 171 -25.75 2.73 -9.09
N LEU A 172 -25.55 1.48 -9.52
CA LEU A 172 -26.30 0.92 -10.63
C LEU A 172 -27.77 0.69 -10.22
N THR A 173 -28.68 1.54 -10.70
CA THR A 173 -30.10 1.37 -10.37
C THR A 173 -30.87 0.52 -11.39
N ALA A 174 -32.14 0.28 -11.08
CA ALA A 174 -33.02 -0.62 -11.83
C ALA A 174 -33.15 -0.28 -13.31
N ASP A 175 -33.16 1.01 -13.63
CA ASP A 175 -33.25 1.45 -15.02
C ASP A 175 -31.91 1.35 -15.79
N GLY A 176 -30.93 0.67 -15.21
CA GLY A 176 -29.66 0.44 -15.87
C GLY A 176 -28.78 1.67 -15.95
N GLU A 177 -29.19 2.74 -15.29
CA GLU A 177 -28.39 3.95 -15.19
C GLU A 177 -27.52 3.91 -13.93
N ILE A 178 -26.34 4.51 -14.01
CA ILE A 178 -25.43 4.61 -12.86
C ILE A 178 -25.53 5.99 -12.23
N ARG A 179 -26.08 6.05 -11.02
CA ARG A 179 -26.20 7.32 -10.33
C ARG A 179 -25.04 7.59 -9.37
N HIS A 180 -24.58 8.84 -9.38
CA HIS A 180 -23.53 9.31 -8.48
C HIS A 180 -24.13 9.94 -7.24
N LEU A 181 -24.06 9.25 -6.10
CA LEU A 181 -24.71 9.73 -4.89
C LEU A 181 -23.72 10.34 -3.92
N THR A 182 -24.15 11.37 -3.23
CA THR A 182 -23.38 11.99 -2.16
C THR A 182 -24.30 12.18 -0.95
N PRO A 183 -23.74 12.20 0.26
CA PRO A 183 -24.55 12.25 1.48
C PRO A 183 -25.34 13.53 1.65
N THR A 184 -24.87 14.61 1.01
CA THR A 184 -25.56 15.90 1.02
C THR A 184 -25.91 16.36 -0.39
N GLY A 185 -26.70 17.42 -0.49
CA GLY A 185 -27.14 17.87 -1.80
C GLY A 185 -28.11 16.90 -2.47
N GLU A 186 -28.26 17.02 -3.79
CA GLU A 186 -29.24 16.23 -4.53
C GLU A 186 -28.93 14.74 -4.35
N ASP A 187 -29.98 13.94 -4.34
CA ASP A 187 -29.85 12.49 -4.22
C ASP A 187 -29.41 11.95 -2.84
N ALA A 188 -29.33 12.83 -1.85
CA ALA A 188 -28.96 12.43 -0.48
C ALA A 188 -29.86 11.31 0.02
N GLU A 189 -31.14 11.41 -0.30
CA GLU A 189 -32.16 10.48 0.16
C GLU A 189 -31.86 9.06 -0.30
N LEU A 190 -31.58 8.91 -1.58
CA LEU A 190 -31.26 7.59 -2.12
C LEU A 190 -29.90 7.12 -1.58
N PHE A 191 -29.01 8.07 -1.33
CA PHE A 191 -27.71 7.76 -0.75
C PHE A 191 -27.95 7.13 0.61
N TRP A 192 -28.75 7.79 1.42
CA TRP A 192 -28.98 7.33 2.79
C TRP A 192 -29.94 6.15 2.88
N ALA A 193 -30.61 5.82 1.79
CA ALA A 193 -31.42 4.61 1.73
C ALA A 193 -30.55 3.42 1.31
N THR A 194 -29.46 3.72 0.62
CA THR A 194 -28.54 2.69 0.13
C THR A 194 -27.69 2.21 1.28
N VAL A 195 -27.24 3.16 2.08
CA VAL A 195 -26.56 2.86 3.33
C VAL A 195 -27.53 2.08 4.19
N GLY A 196 -27.13 0.87 4.57
CA GLY A 196 -27.97 0.01 5.37
C GLY A 196 -29.13 -0.59 4.59
N GLY A 197 -29.17 -0.36 3.28
CA GLY A 197 -30.26 -0.86 2.45
C GLY A 197 -30.14 -2.29 1.96
N ASN A 198 -29.13 -3.04 2.42
CA ASN A 198 -28.98 -4.45 2.08
C ASN A 198 -29.06 -4.78 0.59
N GLY A 199 -28.48 -3.91 -0.24
CA GLY A 199 -28.43 -4.11 -1.68
C GLY A 199 -29.74 -3.90 -2.41
N LEU A 200 -30.75 -3.40 -1.71
CA LEU A 200 -32.09 -3.35 -2.29
C LEU A 200 -32.39 -2.02 -3.00
N THR A 201 -31.40 -1.15 -3.13
CA THR A 201 -31.58 0.04 -3.95
C THR A 201 -30.83 -0.10 -5.28
N GLY A 202 -30.10 -1.21 -5.43
CA GLY A 202 -29.23 -1.38 -6.58
C GLY A 202 -27.80 -1.78 -6.21
N ILE A 203 -26.91 -1.72 -7.20
CA ILE A 203 -25.57 -2.25 -7.02
C ILE A 203 -24.54 -1.14 -6.91
N ILE A 204 -23.92 -1.05 -5.74
CA ILE A 204 -22.82 -0.12 -5.56
C ILE A 204 -21.66 -0.63 -6.40
N MET A 205 -21.22 0.17 -7.36
CA MET A 205 -20.12 -0.22 -8.23
C MET A 205 -18.79 0.27 -7.66
N ARG A 206 -18.82 1.44 -7.07
CA ARG A 206 -17.61 2.18 -6.77
C ARG A 206 -17.96 3.20 -5.69
N ALA A 207 -16.98 3.60 -4.89
CA ALA A 207 -17.26 4.51 -3.79
C ALA A 207 -16.01 5.27 -3.43
N THR A 208 -16.20 6.44 -2.85
CA THR A 208 -15.08 7.19 -2.29
C THR A 208 -15.28 7.24 -0.79
N ILE A 209 -14.27 6.79 -0.05
CA ILE A 209 -14.27 6.78 1.40
C ILE A 209 -13.26 7.79 1.92
N GLU A 210 -13.65 8.56 2.93
CA GLU A 210 -12.66 9.37 3.64
C GLU A 210 -12.06 8.59 4.81
N MET A 211 -10.74 8.48 4.80
CA MET A 211 -10.03 7.68 5.78
C MET A 211 -9.68 8.51 7.00
N THR A 212 -9.24 7.82 8.04
CA THR A 212 -8.81 8.45 9.27
C THR A 212 -7.28 8.52 9.22
N PRO A 213 -6.70 9.72 9.41
CA PRO A 213 -5.24 9.82 9.36
C PRO A 213 -4.62 9.14 10.57
N THR A 214 -3.50 8.46 10.37
CA THR A 214 -2.80 7.82 11.47
C THR A 214 -1.30 7.94 11.25
N SER A 215 -0.54 8.05 12.34
CA SER A 215 0.92 8.03 12.23
C SER A 215 1.47 6.64 12.49
N THR A 216 0.64 5.72 13.00
CA THR A 216 1.10 4.36 13.30
C THR A 216 0.05 3.29 13.01
N ALA A 217 0.51 2.05 12.94
CA ALA A 217 -0.40 0.92 12.81
C ALA A 217 -0.63 0.30 14.18
N TYR A 218 -0.42 1.07 15.25
CA TYR A 218 -0.53 0.52 16.60
C TYR A 218 -1.59 1.18 17.46
N PHE A 219 -2.06 0.44 18.46
CA PHE A 219 -2.97 0.96 19.46
C PHE A 219 -2.27 1.11 20.79
N ILE A 220 -2.66 2.13 21.54
CA ILE A 220 -2.36 2.15 22.96
C ILE A 220 -3.63 1.79 23.74
N ALA A 221 -3.60 0.65 24.43
CA ALA A 221 -4.79 0.05 25.03
C ALA A 221 -4.82 0.04 26.56
N ASP A 222 -6.02 0.22 27.14
CA ASP A 222 -6.24 0.01 28.57
C ASP A 222 -7.22 -1.13 28.76
N GLY A 223 -6.94 -2.00 29.72
CA GLY A 223 -7.80 -3.15 29.96
C GLY A 223 -8.40 -3.11 31.35
N ASP A 224 -9.61 -3.60 31.48
CA ASP A 224 -10.23 -3.77 32.81
C ASP A 224 -11.07 -5.02 32.86
N VAL A 225 -11.13 -5.61 34.05
CA VAL A 225 -11.94 -6.80 34.25
C VAL A 225 -12.93 -6.47 35.37
N THR A 226 -14.22 -6.57 35.03
CA THR A 226 -15.31 -6.34 36.01
C THR A 226 -15.80 -7.67 36.56
N ALA A 227 -16.41 -7.63 37.73
CA ALA A 227 -16.85 -8.86 38.42
C ALA A 227 -18.33 -9.17 38.23
N SER A 228 -19.10 -8.19 37.77
CA SER A 228 -20.53 -8.41 37.57
C SER A 228 -21.11 -7.54 36.46
N LEU A 229 -22.34 -7.85 36.09
CA LEU A 229 -23.10 -7.05 35.14
C LEU A 229 -23.19 -5.61 35.60
N ASP A 230 -23.50 -5.42 36.87
CA ASP A 230 -23.61 -4.08 37.46
C ASP A 230 -22.30 -3.31 37.30
N GLU A 231 -21.17 -3.98 37.43
CA GLU A 231 -19.87 -3.29 37.29
C GLU A 231 -19.61 -2.92 35.83
N THR A 232 -19.84 -3.86 34.94
CA THR A 232 -19.71 -3.66 33.51
C THR A 232 -20.48 -2.42 33.04
N ILE A 233 -21.76 -2.37 33.36
CA ILE A 233 -22.58 -1.20 33.03
C ILE A 233 -22.04 0.06 33.68
N ALA A 234 -21.65 -0.07 34.96
CA ALA A 234 -21.15 1.07 35.74
C ALA A 234 -19.89 1.65 35.12
N LEU A 235 -18.99 0.77 34.68
CA LEU A 235 -17.77 1.17 34.01
C LEU A 235 -18.06 1.89 32.68
N HIS A 236 -19.19 1.57 32.04
CA HIS A 236 -19.49 2.17 30.76
C HIS A 236 -20.35 3.42 30.89
N SER A 237 -20.66 3.80 32.12
CA SER A 237 -21.45 5.01 32.33
C SER A 237 -20.82 5.95 33.35
N ASP A 238 -19.56 5.70 33.67
CA ASP A 238 -18.86 6.56 34.62
C ASP A 238 -18.10 7.69 33.93
N GLY A 239 -18.28 7.81 32.61
CA GLY A 239 -17.66 8.87 31.83
C GLY A 239 -16.30 8.52 31.24
N SER A 240 -15.73 7.41 31.67
CA SER A 240 -14.42 6.97 31.17
C SER A 240 -14.41 6.70 29.68
N GLU A 241 -15.55 6.29 29.14
CA GLU A 241 -15.65 5.94 27.72
C GLU A 241 -15.22 7.11 26.78
N ALA A 242 -15.39 8.35 27.24
CA ALA A 242 -15.02 9.51 26.42
C ALA A 242 -13.51 9.66 26.22
N ARG A 243 -12.72 9.00 27.07
CA ARG A 243 -11.26 9.03 26.94
C ARG A 243 -10.76 8.04 25.89
N TYR A 244 -11.65 7.20 25.37
CA TYR A 244 -11.26 6.19 24.39
C TYR A 244 -12.01 6.29 23.07
N THR A 245 -11.29 6.13 21.95
CA THR A 245 -11.93 6.11 20.64
C THR A 245 -12.46 4.71 20.29
N TYR A 246 -11.79 3.69 20.83
CA TYR A 246 -12.14 2.29 20.61
C TYR A 246 -12.51 1.64 21.95
N SER A 247 -13.54 0.80 21.96
CA SER A 247 -14.00 0.17 23.20
C SER A 247 -14.91 -1.03 22.93
N SER A 248 -14.58 -2.18 23.50
CA SER A 248 -15.44 -3.36 23.45
C SER A 248 -15.15 -4.30 24.62
N ALA A 249 -16.01 -5.29 24.83
CA ALA A 249 -15.83 -6.18 25.97
C ALA A 249 -16.26 -7.61 25.70
N TRP A 250 -15.50 -8.56 26.21
CA TRP A 250 -15.95 -9.95 26.24
C TRP A 250 -16.81 -10.17 27.49
N PHE A 251 -18.01 -10.71 27.29
CA PHE A 251 -19.10 -10.63 28.24
C PHE A 251 -19.50 -12.02 28.77
N ASP A 252 -19.67 -12.16 30.08
CA ASP A 252 -20.12 -13.46 30.63
C ASP A 252 -21.65 -13.55 30.63
N ALA A 253 -22.17 -14.45 29.78
CA ALA A 253 -23.62 -14.64 29.67
C ALA A 253 -24.10 -16.03 30.15
N ILE A 254 -23.21 -16.79 30.78
CA ILE A 254 -23.55 -18.14 31.24
C ILE A 254 -23.66 -18.22 32.75
N SER A 255 -22.73 -17.59 33.47
CA SER A 255 -22.76 -17.64 34.93
C SER A 255 -24.04 -17.06 35.51
N ALA A 256 -24.49 -17.63 36.62
CA ALA A 256 -25.62 -17.06 37.36
C ALA A 256 -25.12 -15.82 38.08
N PRO A 257 -26.02 -14.85 38.34
CA PRO A 257 -25.65 -13.69 39.15
C PRO A 257 -25.02 -14.14 40.47
N PRO A 258 -24.07 -13.36 41.01
CA PRO A 258 -23.65 -12.04 40.52
C PRO A 258 -22.56 -12.06 39.45
N LYS A 259 -22.09 -13.25 39.07
CA LYS A 259 -21.02 -13.33 38.09
C LYS A 259 -21.51 -12.97 36.70
N LEU A 260 -22.79 -13.22 36.42
CA LEU A 260 -23.41 -12.85 35.15
C LEU A 260 -23.08 -11.42 34.74
N GLY A 261 -22.56 -11.24 33.52
CA GLY A 261 -22.33 -9.92 32.98
C GLY A 261 -20.99 -9.33 33.35
N ARG A 262 -20.13 -10.15 33.95
CA ARG A 262 -18.78 -9.70 34.24
C ARG A 262 -18.04 -9.73 32.91
N ALA A 263 -17.02 -8.90 32.76
CA ALA A 263 -16.44 -8.76 31.44
C ALA A 263 -14.96 -8.40 31.42
N ALA A 264 -14.30 -8.75 30.32
CA ALA A 264 -12.94 -8.25 30.05
C ALA A 264 -13.08 -7.07 29.09
N VAL A 265 -12.91 -5.87 29.62
CA VAL A 265 -13.03 -4.66 28.82
C VAL A 265 -11.68 -4.26 28.18
N SER A 266 -11.73 -3.89 26.90
CA SER A 266 -10.54 -3.48 26.17
C SER A 266 -10.84 -2.15 25.49
N ARG A 267 -10.15 -1.11 25.93
CA ARG A 267 -10.41 0.24 25.43
C ARG A 267 -9.09 0.87 25.03
N GLY A 268 -9.11 1.77 24.07
CA GLY A 268 -7.87 2.33 23.57
C GLY A 268 -8.04 3.36 22.48
N ARG A 269 -6.92 3.65 21.81
CA ARG A 269 -6.88 4.64 20.74
C ARG A 269 -5.65 4.38 19.90
N LEU A 270 -5.61 4.94 18.68
CA LEU A 270 -4.45 4.75 17.83
C LEU A 270 -3.23 5.43 18.44
N ALA A 271 -2.11 4.72 18.44
CA ALA A 271 -0.86 5.30 18.95
C ALA A 271 -0.27 6.33 17.98
N THR A 272 0.43 7.32 18.54
CA THR A 272 1.31 8.19 17.78
C THR A 272 2.72 7.58 17.81
N VAL A 273 3.61 8.04 16.94
CA VAL A 273 4.94 7.44 16.84
C VAL A 273 5.81 7.73 18.08
N GLU A 274 5.62 8.91 18.68
CA GLU A 274 6.33 9.26 19.91
C GLU A 274 6.01 8.30 21.06
N GLN A 275 4.89 7.59 20.95
CA GLN A 275 4.45 6.67 21.99
C GLN A 275 4.89 5.24 21.74
N LEU A 276 5.45 4.96 20.57
CA LEU A 276 5.95 3.62 20.29
C LEU A 276 7.27 3.44 21.02
N PRO A 277 7.58 2.19 21.40
CA PRO A 277 8.95 1.89 21.84
C PRO A 277 9.91 1.97 20.65
N ALA A 278 11.18 2.27 20.91
CA ALA A 278 12.20 2.43 19.87
C ALA A 278 12.28 1.27 18.86
N LYS A 279 12.05 0.05 19.34
CA LYS A 279 12.13 -1.14 18.49
C LYS A 279 11.12 -1.10 17.34
N LEU A 280 10.10 -0.25 17.47
CA LEU A 280 9.03 -0.18 16.49
C LEU A 280 8.97 1.18 15.80
N ARG A 281 9.72 2.15 16.29
CA ARG A 281 9.55 3.53 15.85
C ARG A 281 10.12 3.83 14.46
N SER A 282 10.90 2.91 13.88
CA SER A 282 11.48 3.17 12.56
C SER A 282 10.59 2.66 11.42
N GLU A 283 9.66 1.75 11.75
CA GLU A 283 8.61 1.34 10.83
C GLU A 283 7.23 1.45 11.50
N PRO A 284 6.77 2.68 11.75
CA PRO A 284 5.58 2.85 12.59
C PRO A 284 4.28 2.32 11.96
N LEU A 285 4.24 2.21 10.63
CA LEU A 285 3.02 1.85 9.90
C LEU A 285 3.05 0.43 9.31
N LYS A 286 4.01 -0.36 9.74
CA LYS A 286 4.15 -1.71 9.20
C LYS A 286 3.17 -2.66 9.87
N PHE A 287 2.59 -3.57 9.09
CA PHE A 287 1.70 -4.57 9.62
C PHE A 287 2.21 -6.00 9.38
N ASP A 288 1.99 -6.84 10.40
CA ASP A 288 2.08 -8.31 10.37
C ASP A 288 2.06 -8.79 11.82
N ALA A 304 -7.21 -24.87 30.31
CA ALA A 304 -7.97 -24.94 31.56
C ALA A 304 -7.40 -26.00 32.50
N ASN A 305 -6.66 -25.56 33.51
CA ASN A 305 -6.09 -26.48 34.50
C ASN A 305 -6.94 -26.58 35.76
N LYS A 306 -6.32 -27.02 36.86
CA LYS A 306 -7.07 -27.23 38.10
C LYS A 306 -7.38 -25.92 38.81
N TYR A 307 -6.73 -24.85 38.38
CA TYR A 307 -6.93 -23.54 38.99
C TYR A 307 -8.02 -22.76 38.30
N THR A 308 -8.13 -22.94 36.98
CA THR A 308 -8.96 -22.14 36.09
C THR A 308 -10.34 -21.66 36.58
N PHE A 309 -11.01 -22.43 37.41
CA PHE A 309 -12.34 -22.01 37.85
C PHE A 309 -12.43 -21.75 39.35
N GLY A 310 -11.28 -21.64 39.99
CA GLY A 310 -11.24 -21.32 41.41
C GLY A 310 -10.71 -19.92 41.62
N PRO A 311 -10.46 -19.55 42.87
CA PRO A 311 -10.05 -18.20 43.24
C PRO A 311 -8.68 -17.77 42.69
N ILE A 312 -7.74 -18.70 42.50
CA ILE A 312 -6.44 -18.32 41.95
C ILE A 312 -6.62 -17.93 40.49
N GLY A 313 -7.55 -18.59 39.82
CA GLY A 313 -7.80 -18.27 38.42
C GLY A 313 -8.55 -16.98 38.26
N GLU A 314 -9.54 -16.75 39.12
CA GLU A 314 -10.21 -15.46 39.15
C GLU A 314 -9.18 -14.35 39.31
N LEU A 315 -8.21 -14.56 40.22
CA LEU A 315 -7.13 -13.59 40.39
C LEU A 315 -6.25 -13.43 39.16
N TRP A 316 -5.86 -14.56 38.59
CA TRP A 316 -4.97 -14.56 37.43
C TRP A 316 -5.63 -13.77 36.33
N TYR A 317 -6.89 -14.11 36.08
CA TYR A 317 -7.63 -13.50 35.01
C TYR A 317 -7.95 -12.00 35.25
N ARG A 318 -8.17 -11.59 36.51
CA ARG A 318 -8.23 -10.15 36.84
C ARG A 318 -6.88 -9.48 36.56
N LYS A 319 -5.81 -10.15 36.96
CA LYS A 319 -4.47 -9.56 36.84
C LYS A 319 -4.11 -9.44 35.36
N SER A 320 -4.26 -10.53 34.62
CA SER A 320 -3.91 -10.52 33.20
C SER A 320 -4.79 -9.57 32.38
N GLY A 321 -6.03 -9.37 32.80
CA GLY A 321 -6.93 -8.50 32.05
C GLY A 321 -6.87 -7.04 32.46
N THR A 322 -6.09 -6.74 33.49
CA THR A 322 -5.95 -5.36 33.96
C THR A 322 -4.60 -4.78 33.56
N TYR A 323 -4.63 -3.72 32.76
CA TYR A 323 -3.40 -3.11 32.26
C TYR A 323 -3.62 -1.71 31.77
N ARG A 324 -2.53 -0.93 31.66
CA ARG A 324 -2.59 0.45 31.23
C ARG A 324 -1.47 0.78 30.25
N GLY A 325 -1.79 1.59 29.25
CA GLY A 325 -0.84 1.99 28.24
C GLY A 325 -0.09 0.88 27.51
N LYS A 326 -0.76 -0.26 27.30
CA LYS A 326 -0.14 -1.35 26.56
C LYS A 326 -0.22 -1.11 25.05
N VAL A 327 0.92 -1.21 24.38
CA VAL A 327 0.99 -0.98 22.94
C VAL A 327 0.65 -2.25 22.20
N GLN A 328 -0.36 -2.19 21.35
CA GLN A 328 -0.79 -3.37 20.61
C GLN A 328 -0.92 -3.07 19.13
N ASN A 329 -0.69 -4.08 18.30
CA ASN A 329 -1.03 -3.95 16.89
C ASN A 329 -2.50 -4.34 16.73
N LEU A 330 -2.98 -4.33 15.50
CA LEU A 330 -4.39 -4.59 15.26
C LEU A 330 -4.81 -5.98 15.71
N THR A 331 -3.97 -6.98 15.44
CA THR A 331 -4.34 -8.36 15.73
C THR A 331 -4.50 -8.60 17.24
N GLN A 332 -3.57 -8.02 18.01
CA GLN A 332 -3.58 -8.14 19.47
C GLN A 332 -4.74 -7.37 20.10
N PHE A 333 -5.03 -6.21 19.53
CA PHE A 333 -6.03 -5.33 20.09
C PHE A 333 -7.44 -5.76 19.67
N TYR A 334 -7.53 -6.57 18.62
CA TYR A 334 -8.83 -7.07 18.16
C TYR A 334 -9.18 -8.51 18.63
N HIS A 335 -8.18 -9.39 18.58
CA HIS A 335 -8.25 -10.82 18.97
C HIS A 335 -8.68 -11.77 17.84
N GLY A 351 -24.40 -25.04 12.94
CA GLY A 351 -24.70 -25.58 14.27
C GLY A 351 -24.78 -24.48 15.31
N PHE A 352 -24.80 -23.23 14.86
CA PHE A 352 -24.86 -22.09 15.78
C PHE A 352 -25.85 -21.01 15.32
N LEU A 353 -26.43 -20.29 16.28
CA LEU A 353 -27.33 -19.21 15.93
C LEU A 353 -26.80 -17.91 16.48
N GLN A 354 -26.45 -17.00 15.57
CA GLN A 354 -25.85 -15.73 15.94
C GLN A 354 -26.96 -14.71 16.10
N TYR A 355 -26.87 -13.91 17.15
CA TYR A 355 -27.95 -13.00 17.48
C TYR A 355 -27.37 -11.76 18.09
N GLN A 356 -27.69 -10.62 17.50
CA GLN A 356 -27.17 -9.34 17.95
C GLN A 356 -28.25 -8.28 18.07
N PHE A 357 -28.28 -7.56 19.18
CA PHE A 357 -29.26 -6.51 19.34
C PHE A 357 -28.67 -5.36 20.09
N VAL A 358 -29.32 -4.20 20.00
CA VAL A 358 -28.95 -3.03 20.78
C VAL A 358 -30.21 -2.56 21.51
N ILE A 359 -30.04 -2.17 22.77
CA ILE A 359 -31.09 -1.58 23.56
C ILE A 359 -30.73 -0.13 23.88
N PRO A 360 -31.63 0.82 23.58
CA PRO A 360 -31.31 2.25 23.75
C PRO A 360 -30.77 2.59 25.13
N THR A 361 -29.87 3.58 25.21
CA THR A 361 -29.06 3.83 26.41
C THR A 361 -29.84 3.92 27.73
N GLU A 362 -30.90 4.71 27.73
CA GLU A 362 -31.72 4.94 28.92
C GLU A 362 -32.33 3.66 29.50
N ALA A 363 -32.67 2.72 28.63
CA ALA A 363 -33.35 1.49 29.05
C ALA A 363 -32.40 0.51 29.69
N VAL A 364 -31.63 0.97 30.67
CA VAL A 364 -30.57 0.15 31.23
C VAL A 364 -31.13 -1.02 32.03
N ASP A 365 -32.15 -0.77 32.84
CA ASP A 365 -32.79 -1.84 33.61
C ASP A 365 -33.38 -2.93 32.72
N GLU A 366 -33.92 -2.50 31.59
CA GLU A 366 -34.46 -3.41 30.58
C GLU A 366 -33.36 -4.27 29.92
N PHE A 367 -32.21 -3.64 29.63
CA PHE A 367 -31.06 -4.38 29.13
C PHE A 367 -30.62 -5.44 30.13
N LYS A 368 -30.49 -5.06 31.39
CA LYS A 368 -30.14 -6.00 32.45
C LYS A 368 -31.10 -7.18 32.54
N LYS A 369 -32.39 -6.91 32.34
CA LYS A 369 -33.41 -7.93 32.37
C LYS A 369 -33.24 -8.95 31.24
N ILE A 370 -33.03 -8.45 30.02
CA ILE A 370 -32.78 -9.33 28.89
C ILE A 370 -31.57 -10.25 29.10
N ILE A 371 -30.52 -9.73 29.73
CA ILE A 371 -29.35 -10.55 30.00
C ILE A 371 -29.69 -11.64 31.01
N GLY A 372 -30.41 -11.29 32.07
CA GLY A 372 -30.97 -12.28 32.97
C GLY A 372 -31.83 -13.34 32.28
N VAL A 373 -32.73 -12.91 31.40
CA VAL A 373 -33.55 -13.88 30.65
C VAL A 373 -32.64 -14.81 29.88
N ILE A 374 -31.60 -14.25 29.27
CA ILE A 374 -30.65 -15.07 28.52
C ILE A 374 -29.95 -16.15 29.35
N GLN A 375 -29.38 -15.83 30.52
CA GLN A 375 -28.63 -16.89 31.19
C GLN A 375 -29.49 -17.97 31.84
N ALA A 376 -30.69 -17.60 32.28
CA ALA A 376 -31.63 -18.55 32.88
C ALA A 376 -32.43 -19.35 31.85
N SER A 377 -32.04 -19.25 30.57
CA SER A 377 -32.85 -19.82 29.51
C SER A 377 -32.48 -21.25 29.15
N GLY A 378 -31.33 -21.70 29.67
CA GLY A 378 -30.81 -23.02 29.33
C GLY A 378 -30.11 -23.06 27.99
N HIS A 379 -29.90 -21.89 27.39
CA HIS A 379 -29.12 -21.77 26.17
C HIS A 379 -27.85 -21.00 26.50
N TYR A 380 -26.70 -21.65 26.28
CA TYR A 380 -25.43 -21.15 26.79
C TYR A 380 -24.55 -20.57 25.67
N SER A 381 -24.35 -19.26 25.71
CA SER A 381 -23.48 -18.59 24.75
C SER A 381 -22.15 -18.24 25.42
N PHE A 382 -21.07 -18.84 24.95
CA PHE A 382 -19.75 -18.57 25.53
C PHE A 382 -19.04 -17.36 24.91
N LEU A 383 -19.31 -17.08 23.63
CA LEU A 383 -18.66 -15.96 22.92
C LEU A 383 -19.58 -14.74 22.83
N ASN A 384 -19.40 -13.76 23.71
CA ASN A 384 -20.28 -12.59 23.70
C ASN A 384 -19.55 -11.26 23.67
N VAL A 385 -19.79 -10.48 22.62
CA VAL A 385 -19.17 -9.17 22.46
C VAL A 385 -20.14 -8.05 22.82
N PHE A 386 -19.74 -7.25 23.79
CA PHE A 386 -20.53 -6.14 24.32
C PHE A 386 -19.85 -4.79 24.00
N LYS A 387 -20.66 -3.78 23.71
CA LYS A 387 -20.17 -2.45 23.51
C LYS A 387 -21.30 -1.42 23.68
N LEU A 388 -20.95 -0.20 24.04
CA LEU A 388 -21.92 0.89 24.07
C LEU A 388 -21.86 1.70 22.77
N PHE A 389 -22.93 1.68 21.97
CA PHE A 389 -22.96 2.45 20.72
C PHE A 389 -23.16 3.94 21.02
N GLY A 390 -22.58 4.81 20.17
CA GLY A 390 -22.83 6.24 20.24
C GLY A 390 -23.96 6.68 19.31
N PRO A 391 -24.00 7.98 18.96
CA PRO A 391 -25.07 8.53 18.12
C PRO A 391 -25.28 7.78 16.80
N ARG A 392 -26.55 7.63 16.41
CA ARG A 392 -26.90 7.03 15.12
C ARG A 392 -26.67 7.99 13.97
N ASN A 393 -26.86 7.50 12.75
CA ASN A 393 -26.80 8.34 11.56
C ASN A 393 -28.18 8.45 10.91
N GLN A 394 -28.27 9.12 9.76
CA GLN A 394 -29.57 9.44 9.20
C GLN A 394 -30.17 8.37 8.27
N ALA A 395 -29.47 7.24 8.10
CA ALA A 395 -30.00 6.15 7.28
C ALA A 395 -31.18 5.45 7.96
N PRO A 396 -32.34 5.37 7.27
CA PRO A 396 -33.59 4.83 7.82
C PRO A 396 -33.44 3.42 8.38
N LEU A 397 -32.69 2.58 7.66
CA LEU A 397 -32.52 1.19 8.07
C LEU A 397 -31.20 0.89 8.78
N SER A 398 -30.46 1.93 9.13
CA SER A 398 -29.21 1.72 9.86
C SER A 398 -29.43 1.00 11.18
N PHE A 399 -28.70 -0.08 11.42
CA PHE A 399 -28.82 -0.81 12.69
C PHE A 399 -28.43 -0.04 13.97
N PRO A 400 -27.20 0.55 14.04
CA PRO A 400 -26.80 1.12 15.33
C PRO A 400 -27.64 2.31 15.81
N ILE A 401 -27.98 2.28 17.10
CA ILE A 401 -28.53 3.43 17.80
C ILE A 401 -27.80 3.53 19.13
N PRO A 402 -27.75 4.72 19.73
CA PRO A 402 -27.03 4.80 21.00
C PRO A 402 -27.64 3.89 22.07
N GLY A 403 -26.79 3.08 22.68
CA GLY A 403 -27.28 2.14 23.67
C GLY A 403 -26.43 0.90 23.75
N TRP A 404 -26.96 -0.08 24.45
CA TRP A 404 -26.23 -1.29 24.86
C TRP A 404 -26.37 -2.36 23.81
N ASN A 405 -25.24 -2.73 23.25
CA ASN A 405 -25.20 -3.61 22.11
C ASN A 405 -24.50 -4.89 22.51
N ILE A 406 -25.07 -6.02 22.09
CA ILE A 406 -24.44 -7.28 22.40
C ILE A 406 -24.67 -8.27 21.29
N CYS A 407 -23.66 -9.10 21.05
CA CYS A 407 -23.72 -10.16 20.06
C CYS A 407 -23.54 -11.49 20.80
N VAL A 408 -24.44 -12.44 20.57
CA VAL A 408 -24.36 -13.74 21.24
C VAL A 408 -24.34 -14.86 20.22
N ASP A 409 -23.98 -16.05 20.68
CA ASP A 409 -23.83 -17.18 19.78
C ASP A 409 -24.36 -18.45 20.45
N PHE A 410 -25.55 -18.86 20.05
CA PHE A 410 -26.22 -19.99 20.69
C PHE A 410 -26.02 -21.26 19.89
N PRO A 411 -25.67 -22.36 20.57
CA PRO A 411 -25.67 -23.68 19.94
C PRO A 411 -27.08 -24.00 19.49
N ILE A 412 -27.27 -24.46 18.26
CA ILE A 412 -28.60 -24.78 17.77
C ILE A 412 -29.15 -26.02 18.50
N LYS A 413 -30.34 -25.87 19.09
CA LYS A 413 -30.87 -26.83 20.06
C LYS A 413 -32.40 -26.76 20.18
N ASP A 414 -33.03 -27.81 20.71
CA ASP A 414 -34.48 -27.81 20.93
C ASP A 414 -34.90 -26.60 21.76
N GLY A 415 -35.92 -25.90 21.30
CA GLY A 415 -36.42 -24.76 22.04
C GLY A 415 -35.81 -23.44 21.64
N LEU A 416 -34.67 -23.47 20.95
CA LEU A 416 -33.93 -22.25 20.63
C LEU A 416 -34.70 -21.28 19.70
N GLY A 417 -35.28 -21.81 18.64
CA GLY A 417 -36.07 -21.01 17.72
C GLY A 417 -37.18 -20.26 18.44
N LYS A 418 -37.88 -20.97 19.32
CA LYS A 418 -38.97 -20.33 20.03
C LYS A 418 -38.46 -19.35 21.09
N PHE A 419 -37.31 -19.64 21.69
CA PHE A 419 -36.77 -18.72 22.68
C PHE A 419 -36.26 -17.39 22.07
N VAL A 420 -35.70 -17.43 20.86
CA VAL A 420 -35.21 -16.18 20.27
C VAL A 420 -36.35 -15.34 19.72
N SER A 421 -37.47 -15.97 19.40
CA SER A 421 -38.68 -15.22 19.06
C SER A 421 -39.11 -14.39 20.26
N GLU A 422 -39.06 -15.02 21.43
CA GLU A 422 -39.37 -14.31 22.66
C GLU A 422 -38.37 -13.19 22.89
N LEU A 423 -37.11 -13.47 22.61
CA LEU A 423 -36.08 -12.45 22.70
C LEU A 423 -36.43 -11.26 21.81
N ASP A 424 -36.80 -11.54 20.57
CA ASP A 424 -37.27 -10.51 19.64
C ASP A 424 -38.31 -9.64 20.30
N ARG A 425 -39.32 -10.29 20.88
CA ARG A 425 -40.42 -9.61 21.52
C ARG A 425 -39.92 -8.64 22.58
N ARG A 426 -39.02 -9.12 23.43
CA ARG A 426 -38.41 -8.30 24.48
C ARG A 426 -37.58 -7.13 23.93
N VAL A 427 -36.71 -7.44 22.97
CA VAL A 427 -35.87 -6.43 22.35
C VAL A 427 -36.77 -5.37 21.76
N LEU A 428 -37.83 -5.81 21.07
CA LEU A 428 -38.79 -4.89 20.48
C LEU A 428 -39.44 -4.01 21.53
N GLU A 429 -39.95 -4.65 22.58
CA GLU A 429 -40.67 -3.95 23.63
C GLU A 429 -39.79 -2.91 24.29
N PHE A 430 -38.51 -3.22 24.43
CA PHE A 430 -37.58 -2.33 25.09
C PHE A 430 -36.97 -1.30 24.14
N GLY A 431 -37.57 -1.16 22.96
CA GLY A 431 -37.20 -0.10 22.02
C GLY A 431 -35.93 -0.32 21.20
N GLY A 432 -35.40 -1.54 21.22
CA GLY A 432 -34.17 -1.86 20.52
C GLY A 432 -34.45 -2.56 19.21
N ARG A 433 -33.42 -3.11 18.58
CA ARG A 433 -33.59 -3.77 17.28
C ARG A 433 -32.56 -4.87 17.07
N LEU A 434 -32.80 -5.69 16.07
CA LEU A 434 -31.87 -6.72 15.63
C LEU A 434 -31.11 -6.21 14.43
N TYR A 435 -29.95 -6.84 14.19
CA TYR A 435 -29.07 -6.51 13.07
C TYR A 435 -29.32 -7.50 11.94
N THR A 436 -29.70 -6.99 10.77
CA THR A 436 -29.96 -7.83 9.59
C THR A 436 -28.76 -8.68 9.17
N ALA A 437 -27.55 -8.21 9.45
CA ALA A 437 -26.34 -8.94 9.05
C ALA A 437 -26.20 -10.25 9.82
N LYS A 438 -26.91 -10.35 10.94
CA LYS A 438 -26.85 -11.56 11.76
C LYS A 438 -28.11 -12.43 11.64
N ASP A 439 -29.16 -11.89 11.01
CA ASP A 439 -30.49 -12.50 11.11
C ASP A 439 -30.95 -13.24 9.87
N SER A 440 -31.61 -14.37 10.09
CA SER A 440 -32.28 -15.08 9.01
C SER A 440 -33.62 -15.67 9.48
N ARG A 441 -34.08 -15.29 10.66
CA ARG A 441 -35.30 -15.90 11.18
C ARG A 441 -36.34 -15.02 11.88
N THR A 442 -36.12 -13.71 11.98
CA THR A 442 -37.15 -12.84 12.55
C THR A 442 -38.28 -12.58 11.55
N THR A 443 -39.42 -12.09 12.03
CA THR A 443 -40.56 -11.84 11.15
C THR A 443 -40.58 -10.40 10.65
N ALA A 444 -41.22 -10.20 9.50
CA ALA A 444 -41.47 -8.87 8.96
C ALA A 444 -42.21 -7.97 9.95
N GLU A 445 -43.19 -8.53 10.66
CA GLU A 445 -43.90 -7.72 11.65
C GLU A 445 -42.96 -7.16 12.72
N THR A 446 -42.13 -8.02 13.29
CA THR A 446 -41.17 -7.62 14.32
C THR A 446 -40.16 -6.60 13.80
N PHE A 447 -39.62 -6.89 12.62
CA PHE A 447 -38.64 -6.03 11.99
C PHE A 447 -39.22 -4.65 11.75
N HIS A 448 -40.41 -4.60 11.16
CA HIS A 448 -41.02 -3.31 10.85
C HIS A 448 -41.30 -2.49 12.09
N ALA A 449 -41.56 -3.15 13.21
CA ALA A 449 -41.81 -2.42 14.44
C ALA A 449 -40.48 -1.96 15.04
N MET A 450 -39.44 -2.75 14.84
CA MET A 450 -38.09 -2.40 15.30
C MET A 450 -37.49 -1.20 14.56
N TYR A 451 -37.85 -1.05 13.29
CA TYR A 451 -37.36 0.03 12.45
C TYR A 451 -38.50 0.94 11.98
N PRO A 452 -38.89 1.91 12.80
CA PRO A 452 -40.09 2.71 12.47
C PRO A 452 -39.96 3.63 11.23
N ARG A 453 -38.77 3.71 10.64
CA ARG A 453 -38.59 4.51 9.43
C ARG A 453 -38.58 3.61 8.20
N VAL A 454 -39.02 2.36 8.37
CA VAL A 454 -39.04 1.39 7.29
C VAL A 454 -39.93 1.82 6.12
N ASP A 455 -41.12 2.36 6.44
CA ASP A 455 -42.04 2.89 5.43
C ASP A 455 -41.39 4.04 4.66
N GLU A 456 -40.70 4.92 5.39
CA GLU A 456 -39.91 5.98 4.78
C GLU A 456 -38.93 5.38 3.76
N TRP A 457 -38.19 4.38 4.20
CA TRP A 457 -37.24 3.69 3.35
C TRP A 457 -37.89 3.00 2.15
N ILE A 458 -38.91 2.19 2.42
CA ILE A 458 -39.62 1.45 1.37
C ILE A 458 -40.11 2.39 0.28
N SER A 459 -40.64 3.52 0.70
CA SER A 459 -41.15 4.55 -0.20
C SER A 459 -40.05 5.10 -1.11
N VAL A 460 -38.85 5.30 -0.57
CA VAL A 460 -37.68 5.63 -1.40
C VAL A 460 -37.35 4.46 -2.33
N ARG A 461 -37.51 3.24 -1.83
CA ARG A 461 -37.14 2.08 -2.63
C ARG A 461 -38.06 1.89 -3.83
N ARG A 462 -39.32 2.27 -3.67
CA ARG A 462 -40.28 2.08 -4.75
C ARG A 462 -40.11 3.13 -5.83
N LYS A 463 -39.56 4.27 -5.46
CA LYS A 463 -39.22 5.28 -6.46
C LYS A 463 -38.09 4.79 -7.34
N VAL A 464 -37.12 4.09 -6.75
CA VAL A 464 -35.92 3.75 -7.51
C VAL A 464 -35.97 2.37 -8.14
N ASP A 465 -36.96 1.57 -7.75
CA ASP A 465 -37.12 0.25 -8.32
C ASP A 465 -38.60 -0.18 -8.35
N PRO A 466 -39.40 0.48 -9.20
CA PRO A 466 -40.86 0.23 -9.23
C PRO A 466 -41.17 -1.19 -9.66
N LEU A 467 -40.31 -1.79 -10.47
CA LEU A 467 -40.53 -3.12 -11.01
C LEU A 467 -39.87 -4.22 -10.18
N ARG A 468 -39.33 -3.85 -9.02
CA ARG A 468 -38.71 -4.81 -8.11
C ARG A 468 -37.57 -5.62 -8.77
N VAL A 469 -36.76 -4.94 -9.59
CA VAL A 469 -35.61 -5.56 -10.23
C VAL A 469 -34.61 -6.10 -9.19
N PHE A 470 -34.47 -5.39 -8.08
CA PHE A 470 -33.63 -5.87 -6.99
C PHE A 470 -34.44 -6.55 -5.87
N ALA A 471 -34.05 -7.77 -5.54
CA ALA A 471 -34.80 -8.58 -4.61
C ALA A 471 -33.85 -9.61 -4.00
N SER A 472 -34.22 -10.13 -2.83
CA SER A 472 -33.45 -11.15 -2.15
C SER A 472 -34.37 -11.96 -1.23
N ASP A 473 -33.87 -13.08 -0.71
CA ASP A 473 -34.61 -13.86 0.27
C ASP A 473 -35.01 -12.97 1.45
N MET A 474 -34.06 -12.16 1.93
CA MET A 474 -34.35 -11.27 3.05
C MET A 474 -35.48 -10.28 2.73
N ALA A 475 -35.41 -9.63 1.57
CA ALA A 475 -36.44 -8.68 1.15
C ALA A 475 -37.85 -9.32 1.19
N ARG A 476 -37.95 -10.57 0.74
CA ARG A 476 -39.25 -11.20 0.69
C ARG A 476 -39.69 -11.61 2.09
N ARG A 477 -38.75 -12.12 2.90
CA ARG A 477 -39.03 -12.53 4.26
C ARG A 477 -39.46 -11.36 5.15
N LEU A 478 -38.72 -10.25 5.07
CA LEU A 478 -39.01 -9.07 5.88
C LEU A 478 -39.96 -8.11 5.19
N GLU A 479 -40.43 -8.51 4.02
CA GLU A 479 -41.38 -7.69 3.25
C GLU A 479 -40.82 -6.28 3.03
N LEU A 480 -39.59 -6.24 2.55
CA LEU A 480 -38.92 -4.99 2.19
C LEU A 480 -39.00 -4.80 0.68
N LEU A 481 -39.56 -5.82 0.02
CA LEU A 481 -39.82 -5.78 -1.41
C LEU A 481 -40.90 -4.74 -1.76
N THR B 27 19.54 23.36 14.94
CA THR B 27 19.31 23.35 13.49
C THR B 27 20.19 22.32 12.78
N THR B 28 21.50 22.52 12.82
CA THR B 28 22.46 21.63 12.14
C THR B 28 23.39 20.90 13.10
N THR B 29 23.84 19.72 12.69
CA THR B 29 24.85 18.96 13.42
C THR B 29 26.06 18.73 12.52
N ALA B 30 27.24 19.08 13.00
CA ALA B 30 28.47 18.81 12.26
C ALA B 30 28.73 17.30 12.25
N THR B 31 28.83 16.73 11.05
CA THR B 31 28.96 15.27 10.90
C THR B 31 30.07 14.93 9.92
N ARG B 32 30.76 13.81 10.16
CA ARG B 32 31.75 13.33 9.20
C ARG B 32 31.06 12.40 8.20
N LEU B 33 30.90 12.91 6.97
CA LEU B 33 30.19 12.18 5.93
C LEU B 33 31.16 11.55 4.95
N THR B 34 30.72 10.45 4.31
CA THR B 34 31.43 9.88 3.17
C THR B 34 30.42 9.44 2.11
N GLY B 35 30.87 8.62 1.17
CA GLY B 35 29.98 7.94 0.25
C GLY B 35 29.80 6.52 0.74
N TRP B 36 29.25 5.64 -0.09
CA TRP B 36 29.04 4.25 0.31
C TRP B 36 30.35 3.48 0.36
N GLY B 37 31.38 4.05 -0.26
CA GLY B 37 32.70 3.44 -0.29
C GLY B 37 33.49 3.78 0.96
N ARG B 38 32.84 4.51 1.86
CA ARG B 38 33.43 4.93 3.15
C ARG B 38 34.75 5.70 2.96
N THR B 39 34.91 6.33 1.80
CA THR B 39 36.19 6.94 1.45
C THR B 39 36.13 8.46 1.18
N ALA B 40 37.25 9.14 1.40
CA ALA B 40 37.35 10.59 1.31
C ALA B 40 36.32 11.34 2.18
N PRO B 41 36.59 11.41 3.50
CA PRO B 41 35.66 12.06 4.42
C PRO B 41 35.69 13.59 4.33
N SER B 42 34.56 14.21 4.63
CA SER B 42 34.48 15.67 4.70
C SER B 42 33.46 16.06 5.76
N VAL B 43 33.84 16.99 6.63
CA VAL B 43 32.96 17.45 7.70
C VAL B 43 31.98 18.50 7.19
N ALA B 44 30.69 18.26 7.46
CA ALA B 44 29.66 19.21 7.06
C ALA B 44 28.62 19.40 8.17
N ASN B 45 27.97 20.55 8.16
CA ASN B 45 26.82 20.78 9.02
C ASN B 45 25.58 20.16 8.39
N VAL B 46 24.97 19.21 9.09
CA VAL B 46 23.86 18.44 8.55
C VAL B 46 22.51 18.83 9.12
N LEU B 47 21.71 19.52 8.30
CA LEU B 47 20.32 19.80 8.61
C LEU B 47 19.48 18.55 8.36
N ARG B 48 18.55 18.27 9.25
CA ARG B 48 17.70 17.08 9.13
C ARG B 48 16.32 17.34 9.71
N THR B 49 15.41 17.77 8.84
CA THR B 49 14.08 18.18 9.28
C THR B 49 12.99 17.65 8.34
N PRO B 50 11.84 17.24 8.90
CA PRO B 50 10.72 16.80 8.07
C PRO B 50 9.88 17.99 7.64
N ASP B 51 10.37 19.18 7.97
CA ASP B 51 9.64 20.41 7.74
C ASP B 51 10.19 21.17 6.53
N ALA B 52 9.42 21.18 5.45
CA ALA B 52 9.87 21.81 4.21
C ALA B 52 10.08 23.31 4.37
N GLU B 53 9.53 23.88 5.42
CA GLU B 53 9.75 25.30 5.71
C GLU B 53 11.17 25.52 6.21
N MET B 54 11.66 24.57 6.99
CA MET B 54 12.98 24.65 7.60
C MET B 54 14.09 24.41 6.57
N ILE B 55 13.74 23.79 5.46
CA ILE B 55 14.69 23.53 4.40
C ILE B 55 14.78 24.75 3.49
N VAL B 56 13.64 25.35 3.20
CA VAL B 56 13.59 26.59 2.42
C VAL B 56 14.36 27.72 3.11
N LYS B 57 14.17 27.87 4.40
CA LYS B 57 14.79 28.98 5.11
C LYS B 57 16.28 28.76 5.34
N ALA B 58 16.72 27.51 5.34
CA ALA B 58 18.14 27.20 5.50
C ALA B 58 18.90 27.47 4.20
N VAL B 59 18.21 27.37 3.07
CA VAL B 59 18.78 27.71 1.76
C VAL B 59 18.89 29.22 1.64
N ALA B 60 17.87 29.93 2.13
CA ALA B 60 17.87 31.37 2.13
C ALA B 60 19.03 31.92 2.95
N ARG B 61 19.35 31.21 4.03
CA ARG B 61 20.49 31.53 4.89
C ARG B 61 21.79 31.49 4.12
N VAL B 62 22.09 30.38 3.46
CA VAL B 62 23.34 30.23 2.74
C VAL B 62 23.41 31.17 1.52
N ALA B 63 22.24 31.59 1.03
CA ALA B 63 22.21 32.56 -0.06
C ALA B 63 22.42 34.00 0.43
N GLU B 64 22.44 34.18 1.75
CA GLU B 64 22.54 35.51 2.36
C GLU B 64 24.00 35.86 2.68
N SER B 65 24.82 34.84 2.94
CA SER B 65 26.23 35.08 3.25
C SER B 65 27.14 34.91 2.04
N GLY B 66 26.62 35.29 0.86
CA GLY B 66 27.42 35.34 -0.35
C GLY B 66 27.43 34.04 -1.14
N GLY B 67 26.84 32.99 -0.58
CA GLY B 67 26.91 31.67 -1.17
C GLY B 67 27.89 30.77 -0.44
N GLY B 68 28.98 31.37 0.06
CA GLY B 68 29.96 30.69 0.89
C GLY B 68 30.40 29.33 0.37
N ARG B 69 30.35 28.32 1.23
CA ARG B 69 30.70 26.97 0.81
C ARG B 69 29.44 26.16 0.43
N GLY B 70 28.31 26.83 0.37
CA GLY B 70 27.12 26.31 -0.27
C GLY B 70 26.35 25.19 0.42
N ALA B 71 25.52 24.51 -0.36
CA ALA B 71 24.72 23.43 0.21
C ALA B 71 24.37 22.34 -0.79
N ILE B 72 24.39 21.09 -0.32
CA ILE B 72 23.94 19.98 -1.16
C ILE B 72 22.90 19.09 -0.48
N ALA B 73 21.91 18.65 -1.26
CA ALA B 73 20.99 17.63 -0.77
C ALA B 73 21.73 16.32 -0.60
N ARG B 74 21.37 15.57 0.44
CA ARG B 74 21.83 14.19 0.60
C ARG B 74 20.60 13.30 0.70
N GLY B 75 20.68 12.08 0.15
CA GLY B 75 19.61 11.11 0.29
C GLY B 75 20.00 10.02 1.28
N LEU B 76 19.97 8.77 0.83
CA LEU B 76 20.39 7.65 1.67
C LEU B 76 21.89 7.33 1.59
N GLY B 77 22.64 8.18 0.89
CA GLY B 77 24.09 8.07 0.85
C GLY B 77 24.60 6.79 0.22
N ARG B 78 23.85 6.24 -0.73
CA ARG B 78 24.30 5.03 -1.39
C ARG B 78 25.27 5.30 -2.54
N SER B 79 25.41 6.56 -2.94
CA SER B 79 26.37 6.91 -3.99
C SER B 79 27.79 6.78 -3.44
N TYR B 80 28.61 5.98 -4.11
CA TYR B 80 30.01 5.78 -3.69
C TYR B 80 30.81 7.07 -3.84
N GLY B 81 30.36 7.95 -4.72
CA GLY B 81 31.03 9.20 -5.00
C GLY B 81 30.97 10.20 -3.86
N ASP B 82 31.47 11.40 -4.14
CA ASP B 82 31.50 12.49 -3.19
C ASP B 82 30.47 13.55 -3.57
N ASN B 83 29.49 13.17 -4.38
CA ASN B 83 28.46 14.13 -4.79
C ASN B 83 27.43 14.49 -3.70
N ALA B 84 27.39 13.68 -2.63
CA ALA B 84 26.44 13.88 -1.54
C ALA B 84 27.11 14.48 -0.29
N GLN B 85 28.24 15.13 -0.47
CA GLN B 85 28.93 15.77 0.64
C GLN B 85 29.41 17.17 0.25
N ASN B 86 29.67 17.97 1.27
CA ASN B 86 30.03 19.35 1.04
C ASN B 86 30.88 19.84 2.20
N GLY B 87 32.17 19.55 2.12
CA GLY B 87 33.12 19.91 3.17
C GLY B 87 33.01 21.37 3.57
N GLY B 88 32.80 21.60 4.87
CA GLY B 88 32.68 22.94 5.40
C GLY B 88 31.51 23.72 4.84
N GLY B 89 30.47 23.00 4.42
CA GLY B 89 29.25 23.63 3.93
C GLY B 89 28.02 22.98 4.53
N LEU B 90 26.86 23.30 3.97
CA LEU B 90 25.62 22.67 4.45
C LEU B 90 25.25 21.41 3.65
N VAL B 91 24.95 20.34 4.37
CA VAL B 91 24.41 19.14 3.76
C VAL B 91 23.01 18.90 4.32
N ILE B 92 22.02 18.92 3.43
CA ILE B 92 20.63 18.77 3.84
C ILE B 92 20.13 17.35 3.61
N ASP B 93 19.93 16.61 4.71
CA ASP B 93 19.41 15.25 4.67
C ASP B 93 17.91 15.32 4.33
N MET B 94 17.50 14.59 3.31
CA MET B 94 16.12 14.68 2.82
C MET B 94 15.27 13.47 3.22
N THR B 95 15.90 12.47 3.82
CA THR B 95 15.17 11.27 4.26
C THR B 95 13.95 11.51 5.20
N PRO B 96 13.93 12.63 5.96
CA PRO B 96 12.68 12.83 6.71
C PRO B 96 11.52 13.31 5.84
N LEU B 97 11.77 13.76 4.62
CA LEU B 97 10.69 14.13 3.72
C LEU B 97 10.23 12.91 2.93
N ASN B 98 9.51 12.02 3.60
CA ASN B 98 9.23 10.71 3.04
C ASN B 98 7.73 10.48 2.83
N THR B 99 6.99 11.53 2.45
CA THR B 99 5.54 11.39 2.33
C THR B 99 5.10 10.93 0.95
N ILE B 100 4.39 9.81 0.92
CA ILE B 100 3.69 9.41 -0.31
C ILE B 100 2.36 10.16 -0.37
N HIS B 101 2.22 11.06 -1.34
CA HIS B 101 1.03 11.88 -1.44
C HIS B 101 -0.14 11.21 -2.14
N SER B 102 0.12 10.55 -3.26
CA SER B 102 -0.94 9.80 -3.93
C SER B 102 -0.39 8.78 -4.90
N ILE B 103 -1.21 7.78 -5.19
CA ILE B 103 -0.93 6.80 -6.22
C ILE B 103 -2.23 6.56 -6.93
N ASP B 104 -2.18 6.52 -8.25
CA ASP B 104 -3.38 6.37 -9.05
C ASP B 104 -3.18 5.25 -10.06
N ALA B 105 -3.97 4.19 -9.95
CA ALA B 105 -3.82 3.04 -10.82
C ALA B 105 -4.31 3.30 -12.25
N ASP B 106 -5.19 4.28 -12.40
CA ASP B 106 -5.71 4.60 -13.72
C ASP B 106 -4.74 5.47 -14.53
N THR B 107 -4.17 6.50 -13.92
CA THR B 107 -3.19 7.34 -14.62
C THR B 107 -1.76 6.80 -14.49
N LYS B 108 -1.58 5.86 -13.57
CA LYS B 108 -0.29 5.24 -13.27
C LYS B 108 0.72 6.19 -12.68
N LEU B 109 0.25 7.30 -12.14
CA LEU B 109 1.12 8.29 -11.53
C LEU B 109 1.24 8.13 -10.03
N VAL B 110 2.46 8.27 -9.53
CA VAL B 110 2.70 8.38 -8.10
C VAL B 110 3.26 9.76 -7.77
N ASP B 111 2.80 10.32 -6.66
CA ASP B 111 3.19 11.66 -6.27
C ASP B 111 3.82 11.59 -4.89
N ILE B 112 5.14 11.78 -4.82
CA ILE B 112 5.88 11.55 -3.58
C ILE B 112 6.95 12.60 -3.29
N ASP B 113 7.26 12.77 -2.01
CA ASP B 113 8.37 13.61 -1.59
C ASP B 113 9.69 12.98 -2.01
N ALA B 114 10.69 13.82 -2.26
CA ALA B 114 11.96 13.32 -2.81
C ALA B 114 12.66 12.38 -1.85
N GLY B 115 12.28 12.44 -0.58
CA GLY B 115 12.89 11.57 0.41
C GLY B 115 12.36 10.14 0.48
N VAL B 116 11.23 9.82 -0.17
CA VAL B 116 10.79 8.42 -0.11
C VAL B 116 11.79 7.52 -0.86
N ASN B 117 12.02 6.34 -0.32
CA ASN B 117 12.91 5.40 -0.99
C ASN B 117 12.14 4.43 -1.87
N LEU B 118 12.86 3.84 -2.81
CA LEU B 118 12.27 3.00 -3.84
C LEU B 118 11.71 1.71 -3.27
N ASP B 119 12.23 1.27 -2.12
CA ASP B 119 11.71 0.08 -1.45
C ASP B 119 10.33 0.37 -0.87
N GLN B 120 10.24 1.47 -0.15
CA GLN B 120 8.99 2.02 0.36
C GLN B 120 8.01 2.27 -0.80
N LEU B 121 8.50 2.88 -1.88
CA LEU B 121 7.63 3.18 -3.01
C LEU B 121 7.10 1.91 -3.69
N MET B 122 7.98 0.94 -3.85
CA MET B 122 7.60 -0.32 -4.45
C MET B 122 6.52 -1.04 -3.63
N LYS B 123 6.64 -1.03 -2.30
CA LYS B 123 5.67 -1.72 -1.43
C LYS B 123 4.31 -1.04 -1.54
N ALA B 124 4.32 0.28 -1.47
CA ALA B 124 3.13 1.10 -1.53
C ALA B 124 2.38 0.99 -2.86
N ALA B 125 3.11 0.80 -3.96
CA ALA B 125 2.50 0.82 -5.28
C ALA B 125 2.04 -0.54 -5.83
N LEU B 126 2.65 -1.63 -5.37
CA LEU B 126 2.23 -2.97 -5.81
C LEU B 126 0.72 -3.27 -5.67
N PRO B 127 0.07 -2.81 -4.59
CA PRO B 127 -1.34 -3.19 -4.52
C PRO B 127 -2.22 -2.48 -5.56
N PHE B 128 -1.65 -1.47 -6.22
CA PHE B 128 -2.36 -0.79 -7.29
C PHE B 128 -2.09 -1.45 -8.64
N GLY B 129 -1.27 -2.50 -8.63
CA GLY B 129 -0.79 -3.07 -9.88
C GLY B 129 0.20 -2.16 -10.60
N LEU B 130 1.06 -1.50 -9.83
CA LEU B 130 2.07 -0.59 -10.38
C LEU B 130 3.48 -1.03 -9.96
N TRP B 131 4.42 -0.91 -10.89
CA TRP B 131 5.80 -1.36 -10.69
C TRP B 131 6.77 -0.20 -10.95
N VAL B 132 7.70 0.02 -10.02
CA VAL B 132 8.74 1.03 -10.19
C VAL B 132 9.51 0.76 -11.48
N PRO B 133 9.46 1.71 -12.43
CA PRO B 133 9.92 1.51 -13.81
C PRO B 133 11.42 1.24 -13.94
N VAL B 134 12.22 1.73 -13.00
CA VAL B 134 13.65 1.47 -12.99
C VAL B 134 14.11 1.19 -11.57
N LEU B 135 14.57 -0.03 -11.32
CA LEU B 135 15.12 -0.41 -10.03
C LEU B 135 16.61 -0.73 -10.17
N PRO B 136 17.45 -0.05 -9.38
CA PRO B 136 18.89 -0.31 -9.33
C PRO B 136 19.17 -1.55 -8.47
N GLY B 137 20.45 -1.86 -8.25
CA GLY B 137 20.85 -2.98 -7.42
C GLY B 137 20.27 -2.98 -6.02
N THR B 138 20.45 -1.87 -5.28
CA THR B 138 19.79 -1.73 -3.98
C THR B 138 18.65 -0.75 -4.08
N ARG B 139 17.60 -1.01 -3.33
CA ARG B 139 16.39 -0.20 -3.39
C ARG B 139 16.36 0.77 -2.22
N GLN B 140 17.44 0.76 -1.46
CA GLN B 140 17.63 1.74 -0.41
C GLN B 140 18.22 3.03 -1.00
N VAL B 141 17.47 3.63 -1.93
CA VAL B 141 17.84 4.93 -2.50
C VAL B 141 16.61 5.83 -2.59
N THR B 142 16.81 7.12 -2.36
CA THR B 142 15.70 8.04 -2.40
C THR B 142 15.35 8.35 -3.85
N VAL B 143 14.13 8.86 -4.05
CA VAL B 143 13.68 9.26 -5.37
C VAL B 143 14.53 10.43 -5.84
N GLY B 144 14.95 11.26 -4.91
CA GLY B 144 15.78 12.42 -5.23
C GLY B 144 17.15 12.02 -5.72
N GLY B 145 17.75 11.01 -5.08
CA GLY B 145 18.99 10.43 -5.52
C GLY B 145 18.86 9.71 -6.84
N ALA B 146 17.74 8.99 -7.00
CA ALA B 146 17.45 8.27 -8.23
C ALA B 146 17.45 9.24 -9.41
N ILE B 147 16.80 10.39 -9.22
CA ILE B 147 16.71 11.38 -10.27
C ILE B 147 18.06 12.07 -10.51
N ALA B 148 18.66 12.58 -9.43
CA ALA B 148 19.90 13.33 -9.52
C ALA B 148 21.08 12.50 -10.06
N CYS B 149 21.01 11.18 -9.90
CA CYS B 149 21.98 10.30 -10.52
C CYS B 149 21.49 9.61 -11.79
N ASP B 150 20.28 9.97 -12.24
CA ASP B 150 19.62 9.32 -13.38
C ASP B 150 19.92 7.82 -13.41
N ILE B 151 19.52 7.12 -12.35
CA ILE B 151 19.92 5.73 -12.16
C ILE B 151 19.34 4.80 -13.23
N HIS B 152 20.00 3.66 -13.44
CA HIS B 152 19.59 2.72 -14.45
C HIS B 152 19.48 1.38 -13.77
N GLY B 153 18.88 0.43 -14.48
CA GLY B 153 18.70 -0.89 -13.94
C GLY B 153 18.88 -1.95 -14.98
N LYS B 154 18.49 -3.16 -14.61
CA LYS B 154 18.59 -4.35 -15.46
C LYS B 154 17.74 -4.21 -16.74
N ASN B 155 16.82 -3.25 -16.76
CA ASN B 155 15.92 -3.08 -17.90
C ASN B 155 16.20 -1.79 -18.70
N HIS B 156 17.43 -1.30 -18.64
CA HIS B 156 17.74 -0.07 -19.37
C HIS B 156 17.43 -0.13 -20.87
N HIS B 157 17.79 -1.25 -21.49
CA HIS B 157 17.68 -1.43 -22.95
C HIS B 157 16.26 -1.31 -23.45
N SER B 158 15.29 -1.58 -22.57
CA SER B 158 13.89 -1.50 -22.94
C SER B 158 13.14 -0.36 -22.24
N ALA B 159 13.70 0.19 -21.16
CA ALA B 159 12.96 1.17 -20.38
C ALA B 159 13.67 2.51 -20.17
N GLY B 160 14.92 2.62 -20.61
CA GLY B 160 15.71 3.82 -20.34
C GLY B 160 16.12 3.93 -18.88
N SER B 161 16.52 5.11 -18.45
CA SER B 161 16.92 5.30 -17.06
C SER B 161 15.79 5.98 -16.28
N PHE B 162 15.99 6.22 -14.99
CA PHE B 162 14.96 6.76 -14.09
C PHE B 162 14.36 8.08 -14.57
N GLY B 163 15.18 8.95 -15.14
CA GLY B 163 14.72 10.26 -15.58
C GLY B 163 13.65 10.16 -16.66
N ASN B 164 13.73 9.12 -17.48
CA ASN B 164 12.76 8.90 -18.54
C ASN B 164 11.31 8.79 -18.05
N HIS B 165 11.13 8.52 -16.75
CA HIS B 165 9.80 8.25 -16.18
C HIS B 165 9.28 9.36 -15.25
N VAL B 166 10.08 10.39 -15.03
CA VAL B 166 9.62 11.51 -14.21
C VAL B 166 8.74 12.42 -15.06
N ARG B 167 7.53 12.67 -14.58
CA ARG B 167 6.58 13.45 -15.34
C ARG B 167 6.54 14.90 -14.87
N SER B 168 7.07 15.14 -13.67
CA SER B 168 7.19 16.48 -13.14
C SER B 168 8.00 16.39 -11.86
N MET B 169 8.65 17.49 -11.49
CA MET B 169 9.29 17.55 -10.19
C MET B 169 9.27 18.98 -9.63
N ASP B 170 9.30 19.10 -8.31
CA ASP B 170 9.30 20.41 -7.69
C ASP B 170 10.71 20.63 -7.18
N LEU B 171 11.35 21.67 -7.70
CA LEU B 171 12.74 21.91 -7.39
C LEU B 171 12.89 23.20 -6.59
N LEU B 172 13.50 23.10 -5.42
CA LEU B 172 13.81 24.29 -4.64
C LEU B 172 15.09 24.93 -5.18
N THR B 173 14.94 26.05 -5.88
CA THR B 173 16.10 26.75 -6.42
C THR B 173 16.79 27.73 -5.45
N ALA B 174 17.92 28.27 -5.89
CA ALA B 174 18.78 29.16 -5.09
C ALA B 174 18.10 30.47 -4.66
N ASP B 175 17.14 30.95 -5.45
CA ASP B 175 16.40 32.15 -5.08
C ASP B 175 15.27 31.85 -4.08
N GLY B 176 15.27 30.65 -3.51
CA GLY B 176 14.26 30.24 -2.55
C GLY B 176 12.91 29.90 -3.16
N GLU B 177 12.83 29.92 -4.49
CA GLU B 177 11.60 29.58 -5.20
C GLU B 177 11.47 28.07 -5.44
N ILE B 178 10.23 27.59 -5.52
CA ILE B 178 9.95 26.20 -5.88
C ILE B 178 9.39 26.15 -7.30
N ARG B 179 10.23 25.77 -8.25
CA ARG B 179 9.79 25.67 -9.64
C ARG B 179 9.25 24.27 -9.96
N HIS B 180 8.20 24.24 -10.76
CA HIS B 180 7.54 23.00 -11.17
C HIS B 180 7.97 22.62 -12.58
N LEU B 181 8.80 21.60 -12.69
CA LEU B 181 9.42 21.25 -13.97
C LEU B 181 8.75 20.08 -14.64
N THR B 182 8.57 20.15 -15.95
CA THR B 182 8.14 19.00 -16.73
C THR B 182 9.15 18.69 -17.86
N PRO B 183 9.24 17.41 -18.28
CA PRO B 183 10.15 17.00 -19.36
C PRO B 183 9.97 17.76 -20.67
N THR B 184 8.75 18.23 -20.95
CA THR B 184 8.48 19.03 -22.14
C THR B 184 7.92 20.39 -21.76
N GLY B 185 7.45 21.14 -22.74
CA GLY B 185 6.96 22.47 -22.49
C GLY B 185 8.07 23.38 -21.98
N GLU B 186 7.71 24.60 -21.60
CA GLU B 186 8.70 25.57 -21.12
C GLU B 186 9.40 25.01 -19.89
N ASP B 187 10.64 25.43 -19.68
CA ASP B 187 11.44 24.97 -18.54
C ASP B 187 11.92 23.51 -18.60
N ALA B 188 11.74 22.86 -19.74
CA ALA B 188 12.24 21.50 -19.95
C ALA B 188 13.76 21.44 -19.79
N GLU B 189 14.43 22.53 -20.15
CA GLU B 189 15.87 22.55 -20.13
C GLU B 189 16.41 22.38 -18.71
N LEU B 190 15.80 23.08 -17.76
CA LEU B 190 16.19 22.92 -16.37
C LEU B 190 15.77 21.53 -15.81
N PHE B 191 14.72 20.95 -16.36
CA PHE B 191 14.28 19.60 -15.97
C PHE B 191 15.40 18.63 -16.30
N TRP B 192 15.83 18.67 -17.55
CA TRP B 192 16.82 17.74 -18.06
C TRP B 192 18.24 17.99 -17.55
N ALA B 193 18.47 19.13 -16.92
CA ALA B 193 19.75 19.37 -16.25
C ALA B 193 19.66 18.88 -14.82
N THR B 194 18.44 18.86 -14.28
CA THR B 194 18.25 18.35 -12.94
C THR B 194 18.40 16.84 -12.93
N VAL B 195 17.93 16.19 -13.99
CA VAL B 195 18.15 14.76 -14.15
C VAL B 195 19.65 14.52 -14.38
N GLY B 196 20.25 13.65 -13.57
CA GLY B 196 21.67 13.38 -13.71
C GLY B 196 22.50 14.57 -13.24
N GLY B 197 21.84 15.55 -12.64
CA GLY B 197 22.48 16.80 -12.27
C GLY B 197 23.16 16.79 -10.92
N ASN B 198 23.18 15.62 -10.29
CA ASN B 198 23.85 15.45 -9.00
C ASN B 198 23.49 16.48 -7.93
N GLY B 199 22.23 16.93 -7.93
CA GLY B 199 21.78 17.92 -6.96
C GLY B 199 22.25 19.35 -7.14
N LEU B 200 22.87 19.68 -8.28
CA LEU B 200 23.45 21.00 -8.48
C LEU B 200 22.53 22.04 -9.14
N THR B 201 21.29 21.67 -9.44
CA THR B 201 20.34 22.70 -9.89
C THR B 201 19.51 23.19 -8.70
N GLY B 202 19.68 22.56 -7.55
CA GLY B 202 18.85 22.84 -6.38
C GLY B 202 18.35 21.61 -5.63
N ILE B 203 17.28 21.79 -4.85
CA ILE B 203 16.74 20.69 -4.07
C ILE B 203 15.41 20.19 -4.65
N ILE B 204 15.38 18.91 -5.03
CA ILE B 204 14.15 18.29 -5.52
C ILE B 204 13.28 18.02 -4.30
N MET B 205 12.13 18.67 -4.22
CA MET B 205 11.27 18.52 -3.05
C MET B 205 10.29 17.37 -3.23
N ARG B 206 9.85 17.17 -4.46
CA ARG B 206 8.71 16.30 -4.69
C ARG B 206 8.74 15.95 -6.18
N ALA B 207 8.20 14.79 -6.54
CA ALA B 207 8.19 14.36 -7.93
C ALA B 207 6.92 13.61 -8.27
N THR B 208 6.57 13.64 -9.56
CA THR B 208 5.56 12.75 -10.10
C THR B 208 6.22 11.77 -11.07
N ILE B 209 6.04 10.49 -10.82
CA ILE B 209 6.63 9.44 -11.62
C ILE B 209 5.52 8.62 -12.28
N GLU B 210 5.66 8.33 -13.58
CA GLU B 210 4.76 7.37 -14.24
C GLU B 210 5.27 5.95 -14.02
N MET B 211 4.43 5.10 -13.44
CA MET B 211 4.83 3.73 -13.13
C MET B 211 4.56 2.78 -14.29
N THR B 212 5.12 1.59 -14.21
CA THR B 212 4.88 0.57 -15.21
C THR B 212 3.77 -0.35 -14.68
N PRO B 213 2.70 -0.54 -15.46
CA PRO B 213 1.62 -1.42 -14.99
C PRO B 213 2.08 -2.87 -14.93
N THR B 214 1.68 -3.57 -13.88
CA THR B 214 1.95 -5.00 -13.75
C THR B 214 0.76 -5.74 -13.12
N SER B 215 0.59 -7.00 -13.48
CA SER B 215 -0.45 -7.81 -12.86
C SER B 215 0.14 -8.71 -11.78
N THR B 216 1.48 -8.81 -11.74
CA THR B 216 2.15 -9.61 -10.72
C THR B 216 3.40 -8.96 -10.14
N ALA B 217 3.86 -9.50 -9.02
CA ALA B 217 5.12 -9.11 -8.40
C ALA B 217 6.25 -10.07 -8.77
N TYR B 218 6.13 -10.76 -9.90
CA TYR B 218 7.04 -11.84 -10.22
C TYR B 218 7.61 -11.74 -11.61
N PHE B 219 8.80 -12.31 -11.80
CA PHE B 219 9.41 -12.39 -13.10
C PHE B 219 9.35 -13.80 -13.66
N ILE B 220 9.29 -13.91 -14.98
CA ILE B 220 9.54 -15.17 -15.63
C ILE B 220 10.95 -15.10 -16.28
N ALA B 221 11.86 -15.96 -15.81
CA ALA B 221 13.28 -15.84 -16.11
C ALA B 221 13.89 -16.98 -16.94
N ASP B 222 14.67 -16.61 -17.95
CA ASP B 222 15.50 -17.54 -18.73
C ASP B 222 16.96 -17.33 -18.39
N GLY B 223 17.69 -18.41 -18.13
CA GLY B 223 19.09 -18.33 -17.79
C GLY B 223 19.97 -19.03 -18.82
N ASP B 224 21.07 -18.38 -19.20
CA ASP B 224 22.00 -18.98 -20.15
C ASP B 224 23.43 -18.87 -19.65
N VAL B 225 24.32 -19.64 -20.27
CA VAL B 225 25.75 -19.50 -19.99
C VAL B 225 26.52 -19.46 -21.29
N THR B 226 27.71 -18.87 -21.25
CA THR B 226 28.59 -18.85 -22.42
C THR B 226 30.00 -19.28 -22.02
N ALA B 227 30.80 -19.65 -23.01
CA ALA B 227 32.13 -20.19 -22.74
C ALA B 227 33.29 -19.21 -22.99
N SER B 228 32.98 -18.05 -23.58
CA SER B 228 34.00 -17.06 -23.90
C SER B 228 33.38 -15.68 -24.01
N LEU B 229 34.23 -14.65 -23.96
CA LEU B 229 33.79 -13.27 -24.15
C LEU B 229 33.14 -13.09 -25.51
N ASP B 230 33.74 -13.70 -26.53
CA ASP B 230 33.20 -13.63 -27.87
C ASP B 230 31.78 -14.16 -27.89
N GLU B 231 31.57 -15.28 -27.19
CA GLU B 231 30.25 -15.87 -27.14
C GLU B 231 29.28 -14.92 -26.40
N THR B 232 29.73 -14.34 -25.31
CA THR B 232 28.91 -13.40 -24.54
C THR B 232 28.42 -12.22 -25.39
N ILE B 233 29.34 -11.62 -26.14
CA ILE B 233 29.03 -10.48 -26.99
C ILE B 233 28.02 -10.85 -28.07
N ALA B 234 28.19 -12.03 -28.64
CA ALA B 234 27.31 -12.50 -29.70
C ALA B 234 25.89 -12.74 -29.18
N LEU B 235 25.78 -13.27 -27.97
CA LEU B 235 24.48 -13.53 -27.37
C LEU B 235 23.68 -12.24 -27.21
N HIS B 236 24.39 -11.15 -26.91
CA HIS B 236 23.77 -9.85 -26.77
C HIS B 236 23.61 -9.13 -28.11
N SER B 237 24.23 -9.66 -29.16
CA SER B 237 24.12 -9.04 -30.48
C SER B 237 23.24 -9.84 -31.44
N ASP B 238 22.71 -10.98 -31.00
CA ASP B 238 22.03 -11.90 -31.92
C ASP B 238 20.53 -11.62 -32.06
N GLY B 239 20.06 -10.54 -31.44
CA GLY B 239 18.65 -10.19 -31.49
C GLY B 239 17.79 -10.72 -30.36
N SER B 240 18.32 -11.66 -29.58
CA SER B 240 17.55 -12.27 -28.49
C SER B 240 17.20 -11.28 -27.39
N GLU B 241 18.02 -10.24 -27.22
CA GLU B 241 17.81 -9.30 -26.14
C GLU B 241 16.47 -8.56 -26.29
N ALA B 242 15.97 -8.45 -27.52
CA ALA B 242 14.65 -7.88 -27.76
C ALA B 242 13.47 -8.70 -27.19
N ARG B 243 13.70 -9.94 -26.78
CA ARG B 243 12.61 -10.77 -26.25
C ARG B 243 12.42 -10.61 -24.74
N TYR B 244 13.36 -9.91 -24.12
CA TYR B 244 13.36 -9.71 -22.68
C TYR B 244 13.37 -8.23 -22.32
N THR B 245 12.62 -7.86 -21.29
CA THR B 245 12.62 -6.48 -20.81
C THR B 245 13.77 -6.26 -19.83
N TYR B 246 14.21 -7.32 -19.18
CA TYR B 246 15.26 -7.25 -18.16
C TYR B 246 16.39 -8.19 -18.54
N SER B 247 17.62 -7.72 -18.40
CA SER B 247 18.79 -8.52 -18.77
C SER B 247 20.09 -8.02 -18.15
N SER B 248 20.85 -8.94 -17.58
CA SER B 248 22.17 -8.64 -17.05
C SER B 248 22.97 -9.93 -16.99
N ALA B 249 24.27 -9.81 -16.78
CA ALA B 249 25.10 -11.00 -16.73
C ALA B 249 26.19 -10.83 -15.69
N TRP B 250 26.58 -11.93 -15.07
CA TRP B 250 27.79 -11.95 -14.27
C TRP B 250 28.86 -12.56 -15.18
N PHE B 251 30.02 -11.93 -15.29
CA PHE B 251 31.05 -12.53 -16.13
C PHE B 251 32.37 -12.81 -15.43
N ASP B 252 33.15 -13.68 -16.05
CA ASP B 252 34.44 -14.11 -15.55
C ASP B 252 35.54 -13.12 -16.00
N ALA B 253 36.10 -12.40 -15.04
CA ALA B 253 37.12 -11.40 -15.33
C ALA B 253 38.50 -11.88 -14.90
N ILE B 254 38.59 -13.14 -14.47
CA ILE B 254 39.83 -13.68 -13.91
C ILE B 254 40.53 -14.70 -14.81
N SER B 255 39.75 -15.59 -15.41
CA SER B 255 40.30 -16.62 -16.27
C SER B 255 40.94 -16.00 -17.51
N ALA B 256 42.02 -16.62 -18.00
CA ALA B 256 42.68 -16.16 -19.20
C ALA B 256 41.87 -16.56 -20.42
N PRO B 257 42.00 -15.80 -21.53
CA PRO B 257 41.32 -16.18 -22.76
C PRO B 257 41.64 -17.62 -23.13
N PRO B 258 40.69 -18.35 -23.75
CA PRO B 258 39.38 -17.89 -24.23
C PRO B 258 38.28 -17.86 -23.17
N LYS B 259 38.53 -18.37 -21.96
CA LYS B 259 37.49 -18.43 -20.94
C LYS B 259 37.07 -17.03 -20.53
N LEU B 260 38.01 -16.10 -20.64
CA LEU B 260 37.77 -14.72 -20.24
C LEU B 260 36.48 -14.20 -20.86
N GLY B 261 35.60 -13.67 -20.01
CA GLY B 261 34.39 -13.05 -20.49
C GLY B 261 33.24 -14.02 -20.75
N ARG B 262 33.42 -15.27 -20.36
CA ARG B 262 32.30 -16.19 -20.29
C ARG B 262 31.39 -15.64 -19.21
N ALA B 263 30.09 -15.91 -19.32
CA ALA B 263 29.14 -15.26 -18.42
C ALA B 263 27.96 -16.15 -18.06
N ALA B 264 27.37 -15.88 -16.90
CA ALA B 264 26.05 -16.42 -16.56
C ALA B 264 25.03 -15.32 -16.82
N VAL B 265 24.17 -15.55 -17.79
CA VAL B 265 23.20 -14.56 -18.23
C VAL B 265 21.80 -14.81 -17.69
N SER B 266 21.23 -13.78 -17.08
CA SER B 266 19.90 -13.85 -16.51
C SER B 266 19.01 -12.81 -17.17
N ARG B 267 18.04 -13.27 -17.95
CA ARG B 267 17.14 -12.38 -18.67
C ARG B 267 15.69 -12.73 -18.38
N GLY B 268 14.79 -11.75 -18.46
CA GLY B 268 13.40 -12.04 -18.17
C GLY B 268 12.42 -10.90 -18.34
N ARG B 269 11.26 -11.07 -17.72
CA ARG B 269 10.08 -10.31 -18.04
C ARG B 269 9.19 -10.37 -16.79
N LEU B 270 8.40 -9.34 -16.56
CA LEU B 270 7.37 -9.44 -15.53
C LEU B 270 6.35 -10.53 -15.91
N ALA B 271 5.95 -11.33 -14.93
CA ALA B 271 4.96 -12.38 -15.15
C ALA B 271 3.53 -11.83 -15.17
N THR B 272 2.70 -12.42 -16.01
CA THR B 272 1.25 -12.23 -15.95
C THR B 272 0.69 -13.26 -15.00
N VAL B 273 -0.55 -13.07 -14.53
CA VAL B 273 -1.17 -13.97 -13.56
C VAL B 273 -1.29 -15.42 -14.05
N GLU B 274 -1.68 -15.59 -15.32
CA GLU B 274 -1.84 -16.90 -15.93
C GLU B 274 -0.52 -17.63 -16.15
N GLN B 275 0.58 -17.04 -15.67
CA GLN B 275 1.89 -17.67 -15.79
C GLN B 275 2.37 -18.14 -14.42
N LEU B 276 1.64 -17.74 -13.39
CA LEU B 276 1.96 -18.13 -12.02
C LEU B 276 1.32 -19.46 -11.63
N PRO B 277 2.06 -20.28 -10.88
CA PRO B 277 1.50 -21.46 -10.23
C PRO B 277 0.28 -21.03 -9.43
N ALA B 278 -0.79 -21.84 -9.50
CA ALA B 278 -2.08 -21.48 -8.93
C ALA B 278 -2.03 -20.97 -7.48
N LYS B 279 -1.05 -21.43 -6.70
CA LYS B 279 -0.94 -21.01 -5.30
C LYS B 279 -0.77 -19.50 -5.22
N LEU B 280 0.10 -18.96 -6.08
CA LEU B 280 0.41 -17.53 -6.11
C LEU B 280 -0.69 -16.67 -6.75
N ARG B 281 -1.54 -17.29 -7.57
CA ARG B 281 -2.57 -16.55 -8.31
C ARG B 281 -3.57 -15.83 -7.42
N SER B 282 -3.60 -16.18 -6.14
CA SER B 282 -4.56 -15.57 -5.22
C SER B 282 -4.06 -14.21 -4.74
N GLU B 283 -2.77 -14.13 -4.40
CA GLU B 283 -2.13 -12.85 -4.06
C GLU B 283 -0.96 -12.57 -5.01
N PRO B 284 -1.27 -12.34 -6.30
CA PRO B 284 -0.21 -12.26 -7.31
C PRO B 284 0.71 -11.04 -7.15
N LEU B 285 0.25 -10.03 -6.41
CA LEU B 285 1.00 -8.81 -6.20
C LEU B 285 1.74 -8.79 -4.86
N LYS B 286 1.80 -9.94 -4.18
CA LYS B 286 2.43 -10.07 -2.86
C LYS B 286 3.92 -9.71 -2.84
N PHE B 287 4.28 -8.76 -1.99
CA PHE B 287 5.62 -8.15 -2.00
C PHE B 287 6.66 -8.88 -1.14
N ASP B 288 7.94 -8.62 -1.48
CA ASP B 288 9.14 -8.89 -0.67
C ASP B 288 10.41 -8.84 -1.52
N GLU B 314 32.27 -29.58 -20.87
CA GLU B 314 31.74 -28.23 -21.12
C GLU B 314 30.26 -28.30 -21.49
N LEU B 315 29.83 -29.46 -21.98
CA LEU B 315 28.44 -29.67 -22.32
C LEU B 315 27.61 -29.66 -21.03
N TRP B 316 28.23 -30.13 -19.95
CA TRP B 316 27.57 -30.14 -18.64
C TRP B 316 27.47 -28.72 -18.09
N TYR B 317 28.58 -28.00 -18.14
CA TYR B 317 28.62 -26.55 -17.91
C TYR B 317 27.42 -25.82 -18.50
N ARG B 318 27.16 -26.05 -19.78
CA ARG B 318 26.03 -25.41 -20.47
C ARG B 318 24.68 -25.80 -19.91
N LYS B 319 24.43 -27.11 -19.83
CA LYS B 319 23.14 -27.61 -19.35
C LYS B 319 22.90 -27.25 -17.89
N SER B 320 23.97 -27.25 -17.11
CA SER B 320 23.88 -26.90 -15.70
C SER B 320 23.41 -25.45 -15.47
N GLY B 321 23.81 -24.55 -16.37
CA GLY B 321 23.48 -23.15 -16.20
C GLY B 321 22.37 -22.62 -17.10
N THR B 322 21.72 -23.52 -17.83
CA THR B 322 20.63 -23.12 -18.72
C THR B 322 19.28 -23.45 -18.11
N TYR B 323 18.38 -22.47 -18.05
CA TYR B 323 17.01 -22.72 -17.63
C TYR B 323 16.02 -21.85 -18.42
N ARG B 324 14.78 -22.32 -18.50
CA ARG B 324 13.71 -21.60 -19.18
C ARG B 324 12.47 -21.46 -18.30
N GLY B 325 11.84 -20.29 -18.38
CA GLY B 325 10.59 -20.02 -17.71
C GLY B 325 10.58 -20.17 -16.21
N LYS B 326 11.72 -19.91 -15.57
CA LYS B 326 11.78 -19.99 -14.11
C LYS B 326 11.00 -18.82 -13.48
N VAL B 327 10.18 -19.13 -12.49
CA VAL B 327 9.40 -18.12 -11.78
C VAL B 327 10.18 -17.65 -10.57
N GLN B 328 10.48 -16.35 -10.51
CA GLN B 328 11.31 -15.79 -9.45
C GLN B 328 10.71 -14.50 -8.90
N ASN B 329 10.85 -14.28 -7.60
CA ASN B 329 10.48 -12.99 -7.04
C ASN B 329 11.57 -11.97 -7.33
N LEU B 330 11.41 -10.76 -6.82
CA LEU B 330 12.38 -9.71 -7.07
C LEU B 330 13.77 -10.10 -6.54
N THR B 331 13.80 -10.64 -5.33
CA THR B 331 15.05 -11.01 -4.67
C THR B 331 15.83 -12.12 -5.41
N GLN B 332 15.14 -13.12 -5.91
CA GLN B 332 15.83 -14.18 -6.65
C GLN B 332 16.30 -13.66 -8.00
N PHE B 333 15.46 -12.85 -8.63
CA PHE B 333 15.74 -12.38 -9.98
C PHE B 333 16.82 -11.28 -10.00
N TYR B 334 16.85 -10.48 -8.94
CA TYR B 334 17.85 -9.43 -8.76
C TYR B 334 18.93 -9.90 -7.79
N HIS B 335 18.60 -9.86 -6.49
CA HIS B 335 19.52 -10.20 -5.38
C HIS B 335 20.53 -9.11 -5.07
N GLY B 351 37.77 -2.59 1.93
CA GLY B 351 38.92 -2.43 1.06
C GLY B 351 38.59 -2.75 -0.39
N PHE B 352 37.52 -2.14 -0.90
CA PHE B 352 37.08 -2.35 -2.28
C PHE B 352 36.93 -1.06 -3.09
N LEU B 353 37.21 -1.15 -4.38
CA LEU B 353 37.05 0.00 -5.26
C LEU B 353 36.09 -0.40 -6.38
N GLN B 354 34.95 0.26 -6.43
CA GLN B 354 33.91 -0.08 -7.40
C GLN B 354 34.11 0.74 -8.67
N TYR B 355 34.23 0.06 -9.81
CA TYR B 355 34.60 0.74 -11.05
C TYR B 355 33.61 0.41 -12.16
N GLN B 356 33.01 1.43 -12.74
CA GLN B 356 31.98 1.22 -13.75
C GLN B 356 32.16 2.12 -14.95
N PHE B 357 32.05 1.54 -16.13
CA PHE B 357 32.17 2.28 -17.37
C PHE B 357 31.26 1.69 -18.45
N VAL B 358 30.97 2.48 -19.47
CA VAL B 358 30.29 1.99 -20.65
C VAL B 358 31.13 2.36 -21.86
N ILE B 359 31.18 1.46 -22.83
CA ILE B 359 31.91 1.65 -24.06
C ILE B 359 30.88 1.59 -25.16
N PRO B 360 30.88 2.58 -26.07
CA PRO B 360 29.89 2.65 -27.15
C PRO B 360 29.80 1.34 -27.93
N THR B 361 28.59 0.96 -28.33
CA THR B 361 28.33 -0.31 -29.02
C THR B 361 29.32 -0.61 -30.14
N GLU B 362 29.57 0.38 -30.99
CA GLU B 362 30.39 0.15 -32.17
C GLU B 362 31.86 -0.14 -31.82
N ALA B 363 32.29 0.31 -30.64
CA ALA B 363 33.67 0.11 -30.19
C ALA B 363 33.89 -1.25 -29.49
N VAL B 364 33.27 -2.28 -30.02
CA VAL B 364 33.28 -3.60 -29.39
C VAL B 364 34.69 -4.22 -29.29
N ASP B 365 35.51 -4.06 -30.32
CA ASP B 365 36.88 -4.57 -30.29
C ASP B 365 37.68 -3.94 -29.15
N GLU B 366 37.49 -2.64 -28.96
CA GLU B 366 38.13 -1.96 -27.85
C GLU B 366 37.56 -2.42 -26.51
N PHE B 367 36.28 -2.76 -26.49
CA PHE B 367 35.69 -3.30 -25.27
C PHE B 367 36.38 -4.59 -24.83
N LYS B 368 36.53 -5.51 -25.78
CA LYS B 368 37.29 -6.75 -25.56
C LYS B 368 38.74 -6.52 -25.07
N LYS B 369 39.40 -5.51 -25.63
CA LYS B 369 40.79 -5.23 -25.22
C LYS B 369 40.84 -4.75 -23.78
N ILE B 370 39.84 -3.96 -23.39
CA ILE B 370 39.81 -3.44 -22.03
C ILE B 370 39.59 -4.57 -21.03
N ILE B 371 38.75 -5.53 -21.41
CA ILE B 371 38.51 -6.69 -20.55
C ILE B 371 39.81 -7.49 -20.39
N GLY B 372 40.47 -7.74 -21.52
CA GLY B 372 41.76 -8.41 -21.54
C GLY B 372 42.78 -7.72 -20.66
N VAL B 373 42.84 -6.39 -20.77
CA VAL B 373 43.74 -5.61 -19.92
C VAL B 373 43.42 -5.86 -18.44
N ILE B 374 42.14 -5.86 -18.11
CA ILE B 374 41.70 -6.10 -16.75
C ILE B 374 42.18 -7.44 -16.20
N GLN B 375 41.95 -8.53 -16.93
CA GLN B 375 42.37 -9.84 -16.43
C GLN B 375 43.90 -9.96 -16.34
N ALA B 376 44.60 -9.33 -17.27
CA ALA B 376 46.05 -9.43 -17.30
C ALA B 376 46.69 -8.53 -16.25
N SER B 377 45.88 -7.69 -15.63
CA SER B 377 46.38 -6.68 -14.72
C SER B 377 46.88 -7.27 -13.41
N GLY B 378 46.31 -8.40 -13.02
CA GLY B 378 46.62 -8.99 -11.74
C GLY B 378 45.65 -8.55 -10.66
N HIS B 379 44.81 -7.57 -10.98
CA HIS B 379 43.77 -7.18 -10.05
C HIS B 379 42.55 -8.04 -10.32
N TYR B 380 42.21 -8.88 -9.34
CA TYR B 380 41.15 -9.87 -9.53
C TYR B 380 39.78 -9.40 -9.03
N SER B 381 38.78 -9.50 -9.91
CA SER B 381 37.43 -9.09 -9.57
C SER B 381 36.48 -10.25 -9.80
N PHE B 382 35.72 -10.59 -8.75
CA PHE B 382 34.78 -11.71 -8.79
C PHE B 382 33.36 -11.27 -9.16
N LEU B 383 32.94 -10.15 -8.56
CA LEU B 383 31.61 -9.59 -8.79
C LEU B 383 31.65 -8.67 -9.99
N ASN B 384 31.29 -9.18 -11.15
CA ASN B 384 31.41 -8.45 -12.41
C ASN B 384 30.12 -8.46 -13.20
N VAL B 385 29.42 -7.32 -13.23
CA VAL B 385 28.14 -7.24 -13.94
C VAL B 385 28.29 -6.72 -15.37
N PHE B 386 27.64 -7.38 -16.30
CA PHE B 386 27.74 -7.06 -17.71
C PHE B 386 26.36 -6.74 -18.21
N LYS B 387 26.24 -5.66 -18.97
CA LYS B 387 24.96 -5.30 -19.56
C LYS B 387 25.16 -4.45 -20.83
N LEU B 388 24.28 -4.64 -21.80
CA LEU B 388 24.22 -3.81 -22.98
C LEU B 388 23.09 -2.77 -22.79
N PHE B 389 23.47 -1.51 -22.60
CA PHE B 389 22.56 -0.37 -22.52
C PHE B 389 21.85 -0.13 -23.84
N GLY B 390 20.62 0.39 -23.80
CA GLY B 390 19.94 0.87 -24.99
C GLY B 390 20.16 2.36 -25.17
N PRO B 391 19.26 3.03 -25.91
CA PRO B 391 19.45 4.45 -26.27
C PRO B 391 19.48 5.40 -25.07
N ARG B 392 20.19 6.51 -25.22
CA ARG B 392 20.28 7.49 -24.14
C ARG B 392 19.03 8.38 -24.04
N ASN B 393 18.95 9.17 -22.98
CA ASN B 393 17.91 10.19 -22.88
C ASN B 393 18.54 11.57 -23.12
N GLN B 394 17.76 12.64 -22.98
CA GLN B 394 18.28 13.97 -23.30
C GLN B 394 18.92 14.74 -22.15
N ALA B 395 19.21 14.07 -21.03
CA ALA B 395 19.89 14.74 -19.93
C ALA B 395 21.36 14.88 -20.27
N PRO B 396 21.86 16.12 -20.32
CA PRO B 396 23.27 16.37 -20.65
C PRO B 396 24.25 15.49 -19.87
N LEU B 397 24.05 15.30 -18.58
CA LEU B 397 25.05 14.57 -17.77
C LEU B 397 24.62 13.13 -17.42
N SER B 398 23.64 12.62 -18.15
CA SER B 398 23.17 11.26 -17.94
C SER B 398 24.24 10.26 -18.30
N PHE B 399 24.54 9.33 -17.39
CA PHE B 399 25.57 8.33 -17.63
C PHE B 399 25.34 7.34 -18.80
N PRO B 400 24.16 6.70 -18.87
CA PRO B 400 24.02 5.66 -19.91
C PRO B 400 24.05 6.16 -21.37
N ILE B 401 24.78 5.43 -22.21
CA ILE B 401 24.72 5.58 -23.67
C ILE B 401 24.64 4.15 -24.21
N PRO B 402 24.13 3.97 -25.45
CA PRO B 402 24.06 2.62 -26.03
C PRO B 402 25.43 1.94 -26.02
N GLY B 403 25.51 0.71 -25.52
CA GLY B 403 26.79 0.02 -25.52
C GLY B 403 27.11 -0.81 -24.29
N TRP B 404 28.37 -1.24 -24.24
CA TRP B 404 28.81 -2.27 -23.32
C TRP B 404 29.10 -1.74 -21.94
N ASN B 405 28.23 -2.07 -21.00
CA ASN B 405 28.35 -1.56 -19.65
C ASN B 405 28.81 -2.65 -18.70
N ILE B 406 29.80 -2.29 -17.88
CA ILE B 406 30.43 -3.24 -16.99
C ILE B 406 30.72 -2.59 -15.64
N CYS B 407 30.37 -3.30 -14.56
CA CYS B 407 30.81 -2.94 -13.21
C CYS B 407 31.78 -3.98 -12.68
N VAL B 408 32.90 -3.53 -12.12
CA VAL B 408 33.83 -4.42 -11.44
C VAL B 408 34.01 -4.00 -10.00
N ASP B 409 34.57 -4.91 -9.22
CA ASP B 409 34.86 -4.67 -7.81
C ASP B 409 36.30 -5.07 -7.52
N PHE B 410 37.19 -4.09 -7.53
CA PHE B 410 38.62 -4.36 -7.29
C PHE B 410 38.94 -4.29 -5.82
N PRO B 411 39.61 -5.32 -5.30
CA PRO B 411 40.02 -5.24 -3.89
C PRO B 411 41.20 -4.29 -3.80
N ILE B 412 41.11 -3.33 -2.87
CA ILE B 412 42.18 -2.38 -2.68
C ILE B 412 43.47 -3.13 -2.38
N LYS B 413 44.46 -2.89 -3.23
CA LYS B 413 45.68 -3.67 -3.28
C LYS B 413 46.73 -2.76 -3.91
N ASP B 414 47.99 -2.95 -3.53
CA ASP B 414 49.08 -2.08 -4.00
C ASP B 414 49.06 -1.92 -5.51
N GLY B 415 49.20 -0.67 -5.96
CA GLY B 415 49.23 -0.37 -7.38
C GLY B 415 47.88 -0.19 -8.08
N LEU B 416 46.79 -0.43 -7.36
CA LEU B 416 45.45 -0.33 -7.95
C LEU B 416 45.19 1.06 -8.52
N GLY B 417 45.44 2.07 -7.69
CA GLY B 417 45.22 3.46 -8.05
C GLY B 417 45.87 3.82 -9.38
N LYS B 418 47.11 3.37 -9.57
CA LYS B 418 47.82 3.60 -10.82
C LYS B 418 47.12 2.88 -11.97
N PHE B 419 46.66 1.67 -11.70
CA PHE B 419 46.02 0.85 -12.73
C PHE B 419 44.68 1.42 -13.20
N VAL B 420 43.90 1.99 -12.30
CA VAL B 420 42.59 2.48 -12.70
C VAL B 420 42.75 3.77 -13.50
N SER B 421 43.83 4.49 -13.23
CA SER B 421 44.18 5.65 -14.03
C SER B 421 44.43 5.24 -15.47
N GLU B 422 45.13 4.13 -15.69
CA GLU B 422 45.34 3.63 -17.04
C GLU B 422 44.00 3.20 -17.62
N LEU B 423 43.15 2.60 -16.77
CA LEU B 423 41.79 2.24 -17.22
C LEU B 423 40.99 3.43 -17.71
N ASP B 424 40.95 4.49 -16.91
CA ASP B 424 40.27 5.73 -17.30
C ASP B 424 40.68 6.19 -18.69
N ARG B 425 41.98 6.22 -18.95
CA ARG B 425 42.45 6.77 -20.20
C ARG B 425 42.05 5.93 -21.40
N ARG B 426 42.04 4.60 -21.24
CA ARG B 426 41.54 3.73 -22.30
C ARG B 426 40.04 3.98 -22.56
N VAL B 427 39.25 3.94 -21.50
CA VAL B 427 37.81 4.23 -21.58
C VAL B 427 37.58 5.57 -22.28
N LEU B 428 38.36 6.56 -21.84
CA LEU B 428 38.33 7.89 -22.44
C LEU B 428 38.69 7.84 -23.92
N GLU B 429 39.78 7.16 -24.23
CA GLU B 429 40.28 7.04 -25.61
C GLU B 429 39.22 6.47 -26.53
N PHE B 430 38.38 5.59 -26.00
CA PHE B 430 37.47 4.82 -26.83
C PHE B 430 36.02 5.33 -26.84
N GLY B 431 35.80 6.54 -26.37
CA GLY B 431 34.50 7.16 -26.46
C GLY B 431 33.59 6.87 -25.29
N GLY B 432 34.11 6.15 -24.31
CA GLY B 432 33.31 5.76 -23.16
C GLY B 432 33.26 6.80 -22.06
N ARG B 433 32.56 6.47 -20.98
CA ARG B 433 32.57 7.32 -19.79
C ARG B 433 32.47 6.51 -18.49
N LEU B 434 32.86 7.15 -17.40
CA LEU B 434 32.64 6.60 -16.06
C LEU B 434 31.35 7.17 -15.45
N TYR B 435 30.89 6.53 -14.38
CA TYR B 435 29.63 6.88 -13.71
C TYR B 435 30.01 7.65 -12.44
N THR B 436 29.39 8.82 -12.23
CA THR B 436 29.69 9.63 -11.04
C THR B 436 29.17 9.04 -9.73
N ALA B 437 28.20 8.15 -9.79
CA ALA B 437 27.70 7.49 -8.57
C ALA B 437 28.70 6.46 -8.04
N LYS B 438 29.72 6.16 -8.84
CA LYS B 438 30.75 5.20 -8.44
C LYS B 438 32.11 5.84 -8.24
N ASP B 439 32.40 6.90 -9.00
CA ASP B 439 33.73 7.49 -9.06
C ASP B 439 33.99 8.63 -8.08
N SER B 440 35.19 8.62 -7.50
CA SER B 440 35.63 9.73 -6.66
C SER B 440 36.99 10.31 -7.10
N ARG B 441 37.68 9.65 -8.03
CA ARG B 441 39.07 10.00 -8.32
C ARG B 441 39.34 10.87 -9.55
N THR B 442 38.46 10.80 -10.55
CA THR B 442 38.75 11.43 -11.83
C THR B 442 38.91 12.96 -11.78
N THR B 443 39.42 13.52 -12.88
CA THR B 443 39.71 14.94 -12.94
C THR B 443 38.66 15.66 -13.75
N ALA B 444 38.61 16.97 -13.60
CA ALA B 444 37.69 17.77 -14.40
C ALA B 444 37.87 17.50 -15.90
N GLU B 445 39.12 17.38 -16.34
CA GLU B 445 39.42 17.22 -17.77
C GLU B 445 38.90 15.89 -18.32
N THR B 446 39.18 14.81 -17.63
CA THR B 446 38.64 13.51 -18.02
C THR B 446 37.10 13.51 -18.09
N PHE B 447 36.47 14.01 -17.03
CA PHE B 447 35.02 14.11 -16.99
C PHE B 447 34.47 14.95 -18.13
N HIS B 448 35.02 16.15 -18.32
CA HIS B 448 34.56 17.07 -19.37
C HIS B 448 34.72 16.45 -20.76
N ALA B 449 35.78 15.68 -20.94
CA ALA B 449 35.99 14.98 -22.20
C ALA B 449 34.99 13.82 -22.33
N MET B 450 34.69 13.18 -21.19
CA MET B 450 33.74 12.07 -21.20
C MET B 450 32.31 12.52 -21.51
N TYR B 451 31.98 13.75 -21.10
CA TYR B 451 30.62 14.29 -21.22
C TYR B 451 30.62 15.59 -22.04
N PRO B 452 30.51 15.47 -23.37
CA PRO B 452 30.73 16.65 -24.22
C PRO B 452 29.64 17.71 -24.07
N ARG B 453 28.53 17.38 -23.44
CA ARG B 453 27.44 18.35 -23.26
C ARG B 453 27.59 19.10 -21.94
N VAL B 454 28.72 18.90 -21.27
CA VAL B 454 28.94 19.48 -19.95
C VAL B 454 28.84 21.00 -19.94
N ASP B 455 29.33 21.65 -21.01
CA ASP B 455 29.29 23.11 -21.09
C ASP B 455 27.86 23.62 -21.29
N GLU B 456 27.08 22.90 -22.08
CA GLU B 456 25.66 23.22 -22.20
C GLU B 456 24.97 23.09 -20.82
N TRP B 457 25.28 22.02 -20.11
CA TRP B 457 24.79 21.82 -18.75
C TRP B 457 25.18 22.95 -17.81
N ILE B 458 26.46 23.30 -17.81
CA ILE B 458 26.97 24.36 -16.94
C ILE B 458 26.27 25.71 -17.15
N SER B 459 25.97 26.04 -18.40
CA SER B 459 25.28 27.29 -18.66
C SER B 459 23.89 27.30 -18.02
N VAL B 460 23.15 26.22 -18.21
CA VAL B 460 21.84 26.05 -17.59
C VAL B 460 21.99 26.18 -16.07
N ARG B 461 23.03 25.57 -15.53
CA ARG B 461 23.29 25.63 -14.10
C ARG B 461 23.49 27.05 -13.54
N ARG B 462 24.32 27.85 -14.20
CA ARG B 462 24.59 29.20 -13.74
C ARG B 462 23.42 30.15 -13.97
N LYS B 463 22.55 29.78 -14.90
CA LYS B 463 21.32 30.52 -15.14
C LYS B 463 20.39 30.38 -13.94
N VAL B 464 20.52 29.28 -13.20
CA VAL B 464 19.61 28.95 -12.10
C VAL B 464 20.27 29.09 -10.73
N ASP B 465 21.60 29.01 -10.69
CA ASP B 465 22.35 29.22 -9.45
C ASP B 465 23.62 30.07 -9.69
N PRO B 466 23.44 31.36 -10.02
CA PRO B 466 24.60 32.24 -10.25
C PRO B 466 25.56 32.32 -9.06
N LEU B 467 25.03 32.37 -7.84
CA LEU B 467 25.84 32.58 -6.64
C LEU B 467 26.45 31.31 -6.02
N ARG B 468 26.28 30.18 -6.70
CA ARG B 468 26.80 28.89 -6.22
C ARG B 468 26.29 28.57 -4.82
N VAL B 469 24.99 28.77 -4.64
CA VAL B 469 24.32 28.45 -3.38
C VAL B 469 24.38 26.93 -3.16
N PHE B 470 24.28 26.17 -4.25
CA PHE B 470 24.42 24.72 -4.16
C PHE B 470 25.83 24.26 -4.57
N ALA B 471 26.48 23.47 -3.72
CA ALA B 471 27.83 23.05 -3.98
C ALA B 471 28.13 21.75 -3.24
N SER B 472 29.09 21.01 -3.77
CA SER B 472 29.51 19.75 -3.15
C SER B 472 30.99 19.51 -3.45
N ASP B 473 31.56 18.49 -2.83
CA ASP B 473 32.93 18.09 -3.10
C ASP B 473 33.10 17.65 -4.54
N MET B 474 32.14 16.89 -5.08
CA MET B 474 32.20 16.51 -6.50
C MET B 474 32.21 17.71 -7.42
N ALA B 475 31.37 18.69 -7.13
CA ALA B 475 31.25 19.84 -8.02
C ALA B 475 32.56 20.62 -8.07
N ARG B 476 33.26 20.69 -6.94
CA ARG B 476 34.50 21.45 -6.90
C ARG B 476 35.58 20.67 -7.64
N ARG B 477 35.67 19.38 -7.31
CA ARG B 477 36.62 18.50 -7.97
C ARG B 477 36.49 18.47 -9.50
N LEU B 478 35.24 18.55 -9.98
CA LEU B 478 34.97 18.36 -11.40
C LEU B 478 34.73 19.69 -12.09
N GLU B 479 34.79 20.75 -11.30
CA GLU B 479 34.63 22.11 -11.79
C GLU B 479 33.30 22.25 -12.53
N LEU B 480 32.26 21.70 -11.91
CA LEU B 480 30.90 21.82 -12.41
C LEU B 480 30.23 22.99 -11.72
N LEU B 481 30.85 23.46 -10.64
CA LEU B 481 30.40 24.64 -9.91
C LEU B 481 30.31 25.85 -10.85
PA FAD C . -22.30 -10.11 1.88
O1A FAD C . -22.45 -10.80 3.20
O2A FAD C . -21.89 -10.88 0.65
O5B FAD C . -23.59 -9.21 1.56
C5B FAD C . -24.12 -8.43 2.62
C4B FAD C . -25.18 -7.46 2.14
O4B FAD C . -24.52 -6.40 1.46
C3B FAD C . -26.17 -8.09 1.18
O3B FAD C . -27.45 -7.47 1.34
C2B FAD C . -25.63 -7.66 -0.18
O2B FAD C . -26.67 -7.56 -1.16
C1B FAD C . -25.04 -6.30 0.15
N9A FAD C . -23.97 -5.98 -0.83
C8A FAD C . -22.78 -6.57 -0.94
N7A FAD C . -22.11 -6.02 -1.98
C5A FAD C . -22.91 -5.06 -2.50
C6A FAD C . -22.77 -4.16 -3.56
N6A FAD C . -21.64 -4.12 -4.31
N1A FAD C . -23.80 -3.32 -3.83
C2A FAD C . -24.94 -3.34 -3.09
N3A FAD C . -25.09 -4.18 -2.08
C4A FAD C . -24.09 -5.06 -1.77
N1 FAD C . -20.65 -6.48 11.23
C2 FAD C . -20.52 -5.36 11.96
O2 FAD C . -21.29 -4.29 11.65
N3 FAD C . -19.65 -5.28 12.99
C4 FAD C . -18.88 -6.34 13.31
O4 FAD C . -18.01 -6.30 14.33
C4X FAD C . -19.00 -7.57 12.53
N5 FAD C . -18.24 -8.65 12.84
C5X FAD C . -18.34 -9.79 12.12
C6 FAD C . -17.53 -10.90 12.43
C7 FAD C . -17.67 -12.06 11.69
C7M FAD C . -16.82 -13.27 12.01
C8 FAD C . -18.63 -12.12 10.56
C8M FAD C . -18.73 -13.40 9.77
C9 FAD C . -19.42 -11.03 10.24
C9A FAD C . -19.30 -9.87 10.99
N10 FAD C . -20.08 -8.73 10.71
C10 FAD C . -19.90 -7.59 11.49
C1' FAD C . -21.05 -8.70 9.61
C2' FAD C . -20.40 -8.21 8.32
O2' FAD C . -19.50 -7.12 8.61
C3' FAD C . -21.50 -7.77 7.37
O3' FAD C . -22.45 -8.84 7.30
C4' FAD C . -20.99 -7.40 5.98
O4' FAD C . -22.06 -6.84 5.20
C5' FAD C . -20.44 -8.58 5.19
O5' FAD C . -19.85 -8.06 3.99
P FAD C . -19.80 -8.95 2.64
O1P FAD C . -18.92 -8.24 1.63
O2P FAD C . -19.42 -10.34 3.11
O3P FAD C . -21.29 -8.85 2.07
N1 IMD D . -5.03 11.85 -6.16
C2 IMD D . -4.52 11.19 -7.25
N3 IMD D . -5.53 10.55 -7.88
C4 IMD D . -6.67 10.80 -7.21
C5 IMD D . -6.36 11.61 -6.12
PA FAD E . 22.86 9.98 -2.22
O1A FAD E . 23.91 8.93 -2.43
O2A FAD E . 22.52 10.47 -0.84
O5B FAD E . 23.11 11.28 -3.11
C5B FAD E . 23.52 11.10 -4.45
C4B FAD E . 23.29 12.36 -5.28
O4B FAD E . 21.88 12.60 -5.35
C3B FAD E . 23.94 13.59 -4.68
O3B FAD E . 24.50 14.40 -5.72
C2B FAD E . 22.78 14.33 -4.06
O2B FAD E . 22.98 15.74 -4.10
C1B FAD E . 21.63 13.97 -5.00
N9A FAD E . 20.32 14.11 -4.34
C8A FAD E . 19.77 13.28 -3.42
N7A FAD E . 18.57 13.77 -3.06
C5A FAD E . 18.36 14.91 -3.75
C6A FAD E . 17.31 15.83 -3.78
N6A FAD E . 16.20 15.67 -3.00
N1A FAD E . 17.41 16.92 -4.59
C2A FAD E . 18.50 17.10 -5.36
N3A FAD E . 19.53 16.22 -5.36
C4A FAD E . 19.47 15.13 -4.55
N1 FAD E . 23.04 2.98 -9.46
C2 FAD E . 22.52 2.66 -10.66
O2 FAD E . 22.25 3.65 -11.54
N3 FAD E . 22.25 1.38 -11.01
C4 FAD E . 22.50 0.38 -10.15
O4 FAD E . 22.23 -0.91 -10.50
C4X FAD E . 23.08 0.68 -8.83
N5 FAD E . 23.34 -0.31 -7.94
C5X FAD E . 23.85 -0.02 -6.72
C6 FAD E . 24.13 -1.03 -5.80
C7 FAD E . 24.68 -0.71 -4.55
C7M FAD E . 24.98 -1.80 -3.56
C8 FAD E . 24.95 0.71 -4.20
C8M FAD E . 25.52 1.07 -2.86
C9 FAD E . 24.67 1.71 -5.11
C9A FAD E . 24.13 1.40 -6.37
N10 FAD E . 23.84 2.40 -7.31
C10 FAD E . 23.32 2.02 -8.55
C1' FAD E . 24.08 3.82 -7.06
C2' FAD E . 22.89 4.49 -6.40
O2' FAD E . 21.69 4.01 -7.01
C3' FAD E . 22.94 5.97 -6.69
O3' FAD E . 24.19 6.47 -6.21
C4' FAD E . 21.77 6.71 -6.04
O4' FAD E . 21.84 8.06 -6.51
C5' FAD E . 21.82 6.67 -4.51
O5' FAD E . 20.65 7.32 -3.97
P FAD E . 20.68 8.11 -2.56
O1P FAD E . 19.28 8.54 -2.18
O2P FAD E . 21.45 7.23 -1.60
O3P FAD E . 21.48 9.46 -2.93
#